data_5NN0
#
_entry.id   5NN0
#
_cell.length_a   154.970
_cell.length_b   154.970
_cell.length_c   126.680
_cell.angle_alpha   90.00
_cell.angle_beta   90.00
_cell.angle_gamma   90.00
#
_symmetry.space_group_name_H-M   'I 4 2 2'
#
loop_
_entity.id
_entity.type
_entity.pdbx_description
1 polymer Cholinesterase
2 branched 2-acetamido-2-deoxy-beta-D-glucopyranose-(1-4)-[alpha-L-fucopyranose-(1-6)]2-acetamido-2-deoxy-beta-D-glucopyranose
3 branched alpha-L-fucopyranose-(1-6)-2-acetamido-2-deoxy-beta-D-glucopyranose
4 non-polymer 2-acetamido-2-deoxy-beta-D-glucopyranose
5 non-polymer GLYCEROL
6 non-polymer 'SULFATE ION'
7 non-polymer 'CHLORIDE ION'
8 non-polymer '2-(N-MORPHOLINO)-ETHANESULFONIC ACID'
9 non-polymer ~{N}-[[(3~{R})-1-(2,3-dihydro-1~{H}-inden-2-yl)piperidin-3-yl]methyl]-~{N}-[2-(dimethylamino)ethyl]naphthalene-2-carboxamide
10 non-polymer 2-(2-{2-[2-(2-METHOXY-ETHOXY)-ETHOXY]-ETHOXY}-ETHOXY)-ETHANOL
11 non-polymer DI(HYDROXYETHYL)ETHER
12 water water
#
_entity_poly.entity_id   1
_entity_poly.type   'polypeptide(L)'
_entity_poly.pdbx_seq_one_letter_code
;EDDIIIATKNGKVRGMQLTVFGGTVTAFLGIPYAQPPLGRLRFKKPQSLTKWSDIWNATKYANSCCQNIDQSFPGFHGSE
MWNPNTDLSEDCLYLNVWIPAPKPKNATVLIWIYGGGFQTGTSSLHVYDGKFLARVERVIVVSMNYRVGALGFLALPGNP
EAPGNMGLFDQQLALQWVQKNIAAFGGNPKSVTLFGESAGAASVSLHLLSPGSHSLFTRAILQSGSFNAPWAVTSLYEAR
NRTLNLAKLTGCSRENETEIIKCLRNKDPQEILLNEAFVVPYGTPLSVNFGPTVDGDFLTDMPDILLELGQFKKTQILVG
VNKDEGTAFLVYGAPGFSKDNNSIITRKEFQEGLKIFFPGVSEFGKESILFHYTDWVDDQRPENYREALGDVVGDYNFIC
PALEFTKKFSEWGNNAFFYYFEHRSSKLPWPEWMGVMHGYEIEFVFGLPLERRDQYTKAEEILSRSIVKRWANFAKYGNP
QETQNNSTSWPVFKSTEQKYLTLNTESTRIMTKLRAQQCRFWTSFFPKV
;
_entity_poly.pdbx_strand_id   A
#
loop_
_chem_comp.id
_chem_comp.type
_chem_comp.name
_chem_comp.formula
1PG non-polymer 2-(2-{2-[2-(2-METHOXY-ETHOXY)-ETHOXY]-ETHOXY}-ETHOXY)-ETHANOL 'C11 H24 O6'
92H non-polymer ~{N}-[[(3~{R})-1-(2,3-dihydro-1~{H}-inden-2-yl)piperidin-3-yl]methyl]-~{N}-[2-(dimethylamino)ethyl]naphthalene-2-carboxamide 'C30 H37 N3 O'
CL non-polymer 'CHLORIDE ION' 'Cl -1'
FUC L-saccharide, alpha linking alpha-L-fucopyranose 'C6 H12 O5'
GOL non-polymer GLYCEROL 'C3 H8 O3'
MES non-polymer '2-(N-MORPHOLINO)-ETHANESULFONIC ACID' 'C6 H13 N O4 S'
NAG D-saccharide, beta linking 2-acetamido-2-deoxy-beta-D-glucopyranose 'C8 H15 N O6'
PEG non-polymer DI(HYDROXYETHYL)ETHER 'C4 H10 O3'
SO4 non-polymer 'SULFATE ION' 'O4 S -2'
#
# COMPACT_ATOMS: atom_id res chain seq x y z
N ASP A 3 26.58 12.97 18.19
CA ASP A 3 27.00 11.80 17.41
C ASP A 3 26.46 10.51 18.01
N ILE A 4 25.47 9.91 17.35
CA ILE A 4 24.86 8.67 17.83
C ILE A 4 25.22 7.54 16.87
N ILE A 5 25.94 6.55 17.38
CA ILE A 5 26.31 5.36 16.63
C ILE A 5 25.64 4.18 17.32
N ILE A 6 25.00 3.32 16.53
CA ILE A 6 24.36 2.11 17.02
C ILE A 6 25.07 0.92 16.41
N ALA A 7 25.28 -0.11 17.20
CA ALA A 7 25.91 -1.35 16.75
C ALA A 7 24.83 -2.37 16.40
N THR A 8 24.82 -2.82 15.16
CA THR A 8 23.89 -3.82 14.68
C THR A 8 24.63 -5.15 14.49
N LYS A 9 23.84 -6.21 14.24
CA LYS A 9 24.43 -7.53 14.00
C LYS A 9 25.38 -7.51 12.81
N ASN A 10 25.19 -6.60 11.87
CA ASN A 10 26.01 -6.53 10.66
C ASN A 10 27.01 -5.39 10.68
N GLY A 11 27.02 -4.56 11.71
CA GLY A 11 28.01 -3.52 11.81
C GLY A 11 27.45 -2.25 12.39
N LYS A 12 28.30 -1.25 12.55
CA LYS A 12 27.89 0.00 13.17
C LYS A 12 27.23 0.91 12.14
N VAL A 13 26.22 1.66 12.58
CA VAL A 13 25.56 2.65 11.74
C VAL A 13 25.54 3.97 12.49
N ARG A 14 25.80 5.05 11.76
CA ARG A 14 25.70 6.41 12.30
C ARG A 14 24.41 7.05 11.82
N GLY A 15 23.68 7.66 12.74
CA GLY A 15 22.49 8.39 12.42
C GLY A 15 22.71 9.89 12.47
N MET A 16 21.61 10.63 12.55
CA MET A 16 21.65 12.08 12.62
C MET A 16 20.50 12.56 13.50
N GLN A 17 20.69 13.72 14.11
CA GLN A 17 19.68 14.29 14.99
C GLN A 17 18.85 15.28 14.20
N LEU A 18 17.55 15.26 14.46
CA LEU A 18 16.59 16.14 13.82
C LEU A 18 15.82 16.85 14.91
N THR A 19 15.54 18.13 14.71
CA THR A 19 14.69 18.85 15.64
C THR A 19 13.27 18.81 15.09
N VAL A 20 12.34 18.43 15.95
CA VAL A 20 10.95 18.18 15.56
C VAL A 20 10.08 18.67 16.71
N PHE A 21 9.29 19.71 16.45
CA PHE A 21 8.34 20.23 17.43
C PHE A 21 9.06 20.60 18.74
N GLY A 22 10.06 21.47 18.63
CA GLY A 22 10.85 21.86 19.78
C GLY A 22 11.43 20.70 20.57
N GLY A 23 11.69 19.59 19.88
CA GLY A 23 12.28 18.41 20.50
C GLY A 23 13.28 17.79 19.55
N THR A 24 13.64 16.53 19.75
CA THR A 24 14.63 15.87 18.91
CA THR A 24 14.62 15.88 18.88
C THR A 24 14.17 14.46 18.54
N VAL A 25 14.42 14.07 17.29
CA VAL A 25 14.28 12.70 16.84
C VAL A 25 15.61 12.27 16.25
N THR A 26 16.00 11.02 16.49
CA THR A 26 17.19 10.43 15.88
C THR A 26 16.77 9.60 14.66
N ALA A 27 17.35 9.90 13.50
CA ALA A 27 17.01 9.24 12.25
C ALA A 27 18.21 8.49 11.69
N PHE A 28 17.96 7.26 11.27
CA PHE A 28 18.93 6.44 10.55
C PHE A 28 18.33 6.15 9.18
N LEU A 29 18.70 6.96 8.18
CA LEU A 29 18.14 6.85 6.85
C LEU A 29 19.04 6.00 5.96
N GLY A 30 18.45 5.01 5.29
CA GLY A 30 19.18 4.25 4.30
C GLY A 30 20.11 3.17 4.85
N ILE A 31 19.63 2.34 5.78
CA ILE A 31 20.43 1.21 6.26
C ILE A 31 20.25 0.04 5.29
N PRO A 32 21.33 -0.58 4.81
CA PRO A 32 21.16 -1.76 3.97
C PRO A 32 20.66 -2.92 4.80
N TYR A 33 19.78 -3.72 4.20
CA TYR A 33 19.27 -4.89 4.88
C TYR A 33 19.37 -6.14 4.04
N ALA A 34 19.99 -6.07 2.86
CA ALA A 34 20.12 -7.21 1.97
C ALA A 34 21.28 -6.96 1.01
N GLN A 35 21.75 -8.03 0.39
CA GLN A 35 22.73 -7.87 -0.67
C GLN A 35 22.06 -7.15 -1.84
N PRO A 36 22.71 -6.16 -2.46
CA PRO A 36 22.16 -5.52 -3.65
C PRO A 36 21.78 -6.56 -4.69
N PRO A 37 20.55 -6.55 -5.17
CA PRO A 37 20.08 -7.62 -6.08
C PRO A 37 20.49 -7.37 -7.53
N LEU A 38 21.79 -7.39 -7.77
CA LEU A 38 22.41 -7.02 -9.04
C LEU A 38 22.99 -8.25 -9.73
N GLY A 39 23.09 -8.15 -11.06
CA GLY A 39 23.72 -9.20 -11.84
C GLY A 39 23.01 -10.53 -11.81
N ARG A 40 23.68 -11.56 -11.31
CA ARG A 40 23.04 -12.86 -11.16
C ARG A 40 21.90 -12.83 -10.15
N LEU A 41 21.89 -11.86 -9.22
CA LEU A 41 20.88 -11.79 -8.18
C LEU A 41 19.59 -11.10 -8.63
N ARG A 42 19.56 -10.49 -9.82
CA ARG A 42 18.32 -9.90 -10.32
C ARG A 42 17.27 -10.98 -10.50
N PHE A 43 16.03 -10.68 -10.07
CA PHE A 43 14.86 -11.55 -10.07
C PHE A 43 14.90 -12.65 -9.01
N LYS A 44 15.96 -12.76 -8.23
CA LYS A 44 16.03 -13.77 -7.19
CA LYS A 44 16.04 -13.76 -7.19
C LYS A 44 15.57 -13.19 -5.85
N LYS A 45 15.26 -14.10 -4.92
CA LYS A 45 14.93 -13.69 -3.57
C LYS A 45 16.10 -12.91 -2.98
N PRO A 46 15.84 -11.97 -2.07
CA PRO A 46 16.94 -11.21 -1.47
C PRO A 46 17.85 -12.13 -0.67
N GLN A 47 19.14 -11.85 -0.76
CA GLN A 47 20.14 -12.61 -0.02
C GLN A 47 20.57 -11.78 1.18
N SER A 48 20.77 -12.45 2.30
CA SER A 48 21.11 -11.75 3.53
C SER A 48 22.49 -11.09 3.38
N LEU A 49 22.63 -9.92 4.00
CA LEU A 49 23.88 -9.18 3.95
C LEU A 49 24.84 -9.64 5.04
N THR A 50 26.13 -9.57 4.73
CA THR A 50 27.19 -9.93 5.66
C THR A 50 27.81 -8.67 6.25
N LYS A 51 28.58 -8.87 7.33
CA LYS A 51 29.02 -7.76 8.15
C LYS A 51 29.98 -6.84 7.40
N TRP A 52 29.91 -5.56 7.75
CA TRP A 52 30.93 -4.58 7.40
C TRP A 52 31.66 -4.16 8.68
N SER A 53 32.89 -3.68 8.50
CA SER A 53 33.75 -3.35 9.63
C SER A 53 33.76 -1.88 9.98
N ASP A 54 33.31 -1.02 9.07
CA ASP A 54 33.36 0.42 9.26
C ASP A 54 32.10 0.90 9.98
N ILE A 55 31.91 2.22 10.03
CA ILE A 55 30.67 2.82 10.50
C ILE A 55 29.87 3.21 9.26
N TRP A 56 28.71 2.61 9.10
CA TRP A 56 27.83 2.97 7.98
C TRP A 56 27.12 4.29 8.31
N ASN A 57 27.18 5.23 7.37
CA ASN A 57 26.52 6.51 7.55
C ASN A 57 25.09 6.40 7.05
N ALA A 58 24.14 6.39 7.98
CA ALA A 58 22.71 6.36 7.64
C ALA A 58 22.13 7.76 7.79
N THR A 59 22.64 8.67 6.96
CA THR A 59 22.35 10.09 7.12
C THR A 59 21.63 10.65 5.90
N LYS A 60 21.24 9.82 4.95
CA LYS A 60 20.42 10.27 3.83
C LYS A 60 19.63 9.09 3.29
N TYR A 61 18.46 9.40 2.74
CA TYR A 61 17.66 8.38 2.08
C TYR A 61 18.45 7.70 0.98
N ALA A 62 18.21 6.42 0.77
CA ALA A 62 18.94 5.66 -0.22
C ALA A 62 18.20 5.73 -1.57
N ASN A 63 18.78 5.08 -2.58
CA ASN A 63 18.12 4.97 -3.88
C ASN A 63 16.73 4.34 -3.73
N SER A 64 15.78 4.82 -4.54
CA SER A 64 14.53 4.10 -4.74
C SER A 64 14.71 3.01 -5.79
N CYS A 65 13.90 1.96 -5.69
CA CYS A 65 13.96 0.88 -6.67
C CYS A 65 13.51 1.36 -8.05
N CYS A 66 14.03 0.71 -9.10
CA CYS A 66 13.70 1.06 -10.47
C CYS A 66 12.20 0.94 -10.71
N GLN A 67 11.65 1.93 -11.41
CA GLN A 67 10.22 2.00 -11.64
C GLN A 67 9.96 3.05 -12.71
N ASN A 68 8.87 2.84 -13.44
CA ASN A 68 8.32 3.88 -14.28
C ASN A 68 7.75 5.02 -13.43
N ILE A 69 7.65 6.20 -14.04
CA ILE A 69 7.28 7.43 -13.35
CA ILE A 69 7.26 7.40 -13.33
C ILE A 69 5.98 7.95 -13.95
N ASP A 70 5.12 8.51 -13.10
CA ASP A 70 3.90 9.17 -13.56
C ASP A 70 4.26 10.52 -14.18
N GLN A 71 4.10 10.64 -15.50
CA GLN A 71 4.41 11.85 -16.26
CA GLN A 71 4.41 11.86 -16.22
C GLN A 71 3.17 12.51 -16.84
N SER A 72 1.98 12.10 -16.39
CA SER A 72 0.74 12.59 -16.99
C SER A 72 0.52 14.07 -16.76
N PHE A 73 0.95 14.62 -15.62
CA PHE A 73 0.72 16.03 -15.29
C PHE A 73 2.02 16.67 -14.82
N PRO A 74 2.98 16.88 -15.72
CA PRO A 74 4.25 17.49 -15.31
C PRO A 74 4.03 18.85 -14.64
N GLY A 75 4.84 19.13 -13.63
CA GLY A 75 4.74 20.33 -12.85
C GLY A 75 3.60 20.39 -11.85
N PHE A 76 2.76 19.35 -11.78
CA PHE A 76 1.56 19.37 -10.95
C PHE A 76 1.82 18.57 -9.67
N HIS A 77 1.65 19.23 -8.53
CA HIS A 77 2.03 18.61 -7.25
C HIS A 77 1.19 17.38 -6.93
N GLY A 78 -0.08 17.36 -7.37
CA GLY A 78 -0.97 16.27 -7.01
C GLY A 78 -0.46 14.92 -7.48
N SER A 79 0.16 14.88 -8.66
CA SER A 79 0.71 13.64 -9.16
C SER A 79 2.18 13.47 -8.80
N GLU A 80 2.96 14.56 -8.87
CA GLU A 80 4.40 14.43 -8.69
C GLU A 80 4.78 14.18 -7.24
N MET A 81 3.92 14.51 -6.27
CA MET A 81 4.20 14.16 -4.88
C MET A 81 4.33 12.66 -4.65
N TRP A 82 3.80 11.83 -5.56
CA TRP A 82 3.97 10.38 -5.43
C TRP A 82 5.17 9.83 -6.21
N ASN A 83 5.79 10.63 -7.07
CA ASN A 83 6.94 10.17 -7.83
C ASN A 83 8.17 10.04 -6.92
N PRO A 84 9.11 9.14 -7.26
CA PRO A 84 10.30 8.96 -6.41
C PRO A 84 11.09 10.24 -6.26
N ASN A 85 11.67 10.43 -5.08
CA ASN A 85 12.45 11.63 -4.78
C ASN A 85 13.91 11.33 -4.46
N THR A 86 14.40 10.13 -4.79
CA THR A 86 15.81 9.79 -4.75
C THR A 86 16.12 9.03 -6.03
N ASP A 87 17.42 8.99 -6.38
CA ASP A 87 17.87 8.27 -7.57
C ASP A 87 17.27 6.88 -7.65
N LEU A 88 16.94 6.45 -8.86
CA LEU A 88 16.52 5.08 -9.11
C LEU A 88 17.76 4.20 -9.28
N SER A 89 17.67 2.97 -8.79
CA SER A 89 18.76 2.02 -8.93
C SER A 89 18.26 0.63 -8.55
N GLU A 90 18.82 -0.39 -9.19
CA GLU A 90 18.58 -1.76 -8.72
C GLU A 90 19.14 -1.97 -7.31
N ASP A 91 20.11 -1.16 -6.90
CA ASP A 91 20.69 -1.20 -5.57
C ASP A 91 19.81 -0.31 -4.70
N CYS A 92 18.74 -0.90 -4.17
CA CYS A 92 17.72 -0.13 -3.49
C CYS A 92 17.20 -0.77 -2.20
N LEU A 93 17.76 -1.92 -1.79
CA LEU A 93 17.23 -2.66 -0.63
C LEU A 93 17.79 -2.04 0.65
N TYR A 94 17.15 -0.95 1.07
CA TYR A 94 17.50 -0.18 2.26
C TYR A 94 16.24 0.11 3.07
N LEU A 95 16.44 0.40 4.35
CA LEU A 95 15.35 0.75 5.24
C LEU A 95 15.74 1.95 6.12
N ASN A 96 14.73 2.58 6.70
CA ASN A 96 14.89 3.76 7.52
C ASN A 96 14.32 3.50 8.92
N VAL A 97 14.96 4.09 9.93
CA VAL A 97 14.57 3.94 11.33
C VAL A 97 14.54 5.33 11.96
N TRP A 98 13.39 5.71 12.53
CA TRP A 98 13.28 6.92 13.33
C TRP A 98 13.07 6.51 14.77
N ILE A 99 13.84 7.09 15.69
CA ILE A 99 13.65 6.75 17.09
C ILE A 99 13.49 8.03 17.92
N PRO A 100 12.66 8.01 18.95
CA PRO A 100 12.51 9.19 19.81
C PRO A 100 13.79 9.50 20.55
N ALA A 101 13.93 10.77 20.91
CA ALA A 101 14.99 11.22 21.79
C ALA A 101 14.35 11.81 23.03
N PRO A 102 14.77 11.43 24.24
CA PRO A 102 15.82 10.44 24.53
C PRO A 102 15.47 9.03 24.06
N LYS A 103 16.51 8.22 23.88
CA LYS A 103 16.35 6.86 23.37
C LYS A 103 15.34 6.10 24.21
N PRO A 104 14.34 5.48 23.61
CA PRO A 104 13.37 4.71 24.39
C PRO A 104 14.01 3.45 24.94
N LYS A 105 13.32 2.85 25.92
CA LYS A 105 13.82 1.61 26.51
C LYS A 105 13.25 0.37 25.84
N ASN A 106 11.96 0.36 25.51
CA ASN A 106 11.32 -0.81 24.91
C ASN A 106 10.13 -0.34 24.06
N ALA A 107 10.41 0.49 23.07
CA ALA A 107 9.33 1.15 22.33
C ALA A 107 8.63 0.20 21.38
N THR A 108 7.33 0.42 21.21
CA THR A 108 6.56 -0.24 20.16
C THR A 108 7.04 0.24 18.80
N VAL A 109 7.04 -0.67 17.81
CA VAL A 109 7.60 -0.41 16.49
C VAL A 109 6.48 -0.43 15.45
N LEU A 110 6.43 0.61 14.62
CA LEU A 110 5.53 0.70 13.47
C LEU A 110 6.35 0.56 12.20
N ILE A 111 6.01 -0.41 11.36
CA ILE A 111 6.72 -0.67 10.12
C ILE A 111 5.82 -0.30 8.96
N TRP A 112 6.22 0.72 8.19
CA TRP A 112 5.45 1.23 7.05
C TRP A 112 5.84 0.49 5.77
N ILE A 113 4.83 0.03 5.03
CA ILE A 113 5.03 -0.58 3.70
C ILE A 113 4.32 0.31 2.70
N TYR A 114 5.08 1.03 1.87
CA TYR A 114 4.44 1.98 0.95
C TYR A 114 3.59 1.25 -0.09
N GLY A 115 2.64 2.01 -0.63
CA GLY A 115 1.84 1.49 -1.70
C GLY A 115 2.16 2.10 -3.04
N GLY A 116 1.13 2.18 -3.85
CA GLY A 116 1.25 2.12 -5.28
C GLY A 116 0.41 0.94 -5.72
N GLY A 117 0.71 0.42 -6.90
CA GLY A 117 0.08 -0.78 -7.40
C GLY A 117 1.13 -1.84 -7.69
N PHE A 118 2.09 -1.97 -6.79
CA PHE A 118 3.22 -2.90 -6.86
C PHE A 118 4.18 -2.59 -8.02
N GLN A 119 3.97 -1.50 -8.76
CA GLN A 119 4.88 -1.13 -9.85
C GLN A 119 5.75 0.06 -9.51
N THR A 120 5.44 0.78 -8.42
CA THR A 120 6.07 2.04 -8.08
C THR A 120 6.11 2.19 -6.56
N GLY A 121 6.77 3.25 -6.12
CA GLY A 121 6.75 3.64 -4.74
C GLY A 121 8.14 3.73 -4.13
N THR A 122 8.25 4.44 -3.02
CA THR A 122 9.50 4.54 -2.31
C THR A 122 9.20 5.00 -0.89
N SER A 123 10.07 4.62 0.04
CA SER A 123 9.84 4.99 1.45
C SER A 123 10.31 6.39 1.78
N SER A 124 11.03 7.05 0.87
CA SER A 124 11.61 8.36 1.14
C SER A 124 10.66 9.53 0.88
N LEU A 125 9.42 9.27 0.46
CA LEU A 125 8.49 10.35 0.19
C LEU A 125 8.20 11.15 1.46
N HIS A 126 7.89 12.43 1.26
CA HIS A 126 7.64 13.35 2.36
C HIS A 126 6.42 12.95 3.19
N VAL A 127 5.39 12.38 2.56
CA VAL A 127 4.19 11.96 3.30
C VAL A 127 4.41 10.69 4.13
N TYR A 128 5.53 10.00 3.95
CA TYR A 128 5.89 8.83 4.73
C TYR A 128 6.97 9.13 5.78
N ASP A 129 7.23 10.40 6.03
CA ASP A 129 8.33 10.77 6.93
C ASP A 129 7.93 10.43 8.36
N GLY A 130 8.59 9.42 8.94
CA GLY A 130 8.28 8.89 10.26
C GLY A 130 8.73 9.73 11.44
N LYS A 131 9.34 10.89 11.22
CA LYS A 131 9.89 11.63 12.37
C LYS A 131 8.80 12.22 13.25
N PHE A 132 7.65 12.56 12.68
CA PHE A 132 6.59 13.15 13.49
C PHE A 132 6.00 12.12 14.44
N LEU A 133 5.78 10.90 13.95
CA LEU A 133 5.24 9.85 14.82
C LEU A 133 6.20 9.51 15.95
N ALA A 134 7.50 9.47 15.65
CA ALA A 134 8.47 9.15 16.70
C ALA A 134 8.50 10.26 17.76
N ARG A 135 8.38 11.51 17.32
CA ARG A 135 8.36 12.63 18.26
C ARG A 135 7.09 12.64 19.11
N VAL A 136 5.93 12.45 18.48
CA VAL A 136 4.67 12.72 19.14
C VAL A 136 4.23 11.56 20.03
N GLU A 137 4.44 10.32 19.57
CA GLU A 137 3.94 9.15 20.28
C GLU A 137 5.05 8.31 20.87
N ARG A 138 6.31 8.70 20.69
CA ARG A 138 7.45 7.93 21.20
C ARG A 138 7.43 6.48 20.73
N VAL A 139 6.95 6.23 19.53
CA VAL A 139 7.11 4.93 18.89
C VAL A 139 8.35 4.99 18.02
N ILE A 140 8.87 3.84 17.66
CA ILE A 140 9.88 3.76 16.60
C ILE A 140 9.17 3.48 15.29
N VAL A 141 9.56 4.19 14.24
CA VAL A 141 9.02 3.97 12.89
C VAL A 141 10.13 3.41 12.02
N VAL A 142 9.81 2.34 11.30
CA VAL A 142 10.70 1.72 10.31
C VAL A 142 9.97 1.72 8.97
N SER A 143 10.71 1.97 7.89
CA SER A 143 10.17 1.82 6.54
C SER A 143 11.28 1.29 5.64
N MET A 144 10.89 0.50 4.62
CA MET A 144 11.87 -0.14 3.74
C MET A 144 11.51 0.10 2.28
N ASN A 145 12.54 0.09 1.43
CA ASN A 145 12.30 -0.03 -0.01
C ASN A 145 12.27 -1.50 -0.39
N TYR A 146 11.33 -1.86 -1.25
CA TYR A 146 11.24 -3.21 -1.78
C TYR A 146 11.07 -3.13 -3.30
N ARG A 147 11.58 -4.13 -4.00
CA ARG A 147 11.55 -4.11 -5.45
C ARG A 147 10.12 -4.15 -5.98
N VAL A 148 9.88 -3.43 -7.07
CA VAL A 148 8.57 -3.25 -7.65
C VAL A 148 8.65 -3.59 -9.15
N GLY A 149 7.47 -3.75 -9.76
CA GLY A 149 7.39 -4.10 -11.16
C GLY A 149 7.97 -5.47 -11.46
N ALA A 150 8.43 -5.64 -12.69
CA ALA A 150 8.99 -6.92 -13.11
C ALA A 150 10.19 -7.30 -12.26
N LEU A 151 11.01 -6.31 -11.90
CA LEU A 151 12.17 -6.61 -11.07
C LEU A 151 11.76 -7.13 -9.71
N GLY A 152 10.56 -6.79 -9.23
CA GLY A 152 10.10 -7.26 -7.95
C GLY A 152 9.17 -8.47 -8.01
N PHE A 153 8.46 -8.64 -9.11
CA PHE A 153 7.41 -9.64 -9.12
C PHE A 153 7.36 -10.50 -10.38
N LEU A 154 8.38 -10.45 -11.24
CA LEU A 154 8.44 -11.39 -12.36
C LEU A 154 8.37 -12.83 -11.86
N ALA A 155 7.52 -13.64 -12.49
CA ALA A 155 7.24 -14.97 -11.98
C ALA A 155 7.24 -15.99 -13.10
N LEU A 156 8.06 -17.04 -12.92
CA LEU A 156 7.87 -18.35 -13.54
C LEU A 156 7.73 -19.31 -12.37
N PRO A 157 6.51 -19.50 -11.85
CA PRO A 157 6.37 -20.13 -10.53
C PRO A 157 6.96 -21.54 -10.50
N GLY A 158 7.71 -21.82 -9.45
CA GLY A 158 8.48 -23.03 -9.33
C GLY A 158 9.96 -22.86 -9.69
N ASN A 159 10.29 -21.86 -10.49
CA ASN A 159 11.65 -21.67 -10.97
C ASN A 159 12.37 -20.68 -10.06
N PRO A 160 13.42 -21.10 -9.35
CA PRO A 160 14.09 -20.18 -8.41
C PRO A 160 14.90 -19.08 -9.07
N GLU A 161 15.04 -19.07 -10.40
CA GLU A 161 15.67 -17.94 -11.07
C GLU A 161 14.72 -16.75 -11.18
N ALA A 162 13.42 -17.01 -11.17
CA ALA A 162 12.40 -15.96 -11.15
C ALA A 162 11.16 -16.52 -10.46
N PRO A 163 11.23 -16.73 -9.14
CA PRO A 163 10.16 -17.45 -8.46
C PRO A 163 8.88 -16.65 -8.28
N GLY A 164 8.92 -15.33 -8.49
CA GLY A 164 7.81 -14.47 -8.11
C GLY A 164 7.90 -14.02 -6.66
N ASN A 165 7.15 -12.95 -6.35
CA ASN A 165 6.97 -12.41 -5.01
C ASN A 165 8.27 -11.88 -4.39
N MET A 166 9.29 -11.57 -5.20
CA MET A 166 10.57 -11.17 -4.64
C MET A 166 10.45 -9.90 -3.80
N GLY A 167 9.63 -8.95 -4.24
CA GLY A 167 9.41 -7.74 -3.44
C GLY A 167 8.71 -8.01 -2.13
N LEU A 168 7.85 -9.03 -2.07
CA LEU A 168 7.29 -9.44 -0.79
C LEU A 168 8.36 -10.07 0.11
N PHE A 169 9.29 -10.82 -0.48
CA PHE A 169 10.42 -11.34 0.29
C PHE A 169 11.38 -10.23 0.73
N ASP A 170 11.57 -9.17 -0.08
CA ASP A 170 12.32 -8.02 0.41
C ASP A 170 11.69 -7.48 1.69
N GLN A 171 10.39 -7.23 1.67
CA GLN A 171 9.69 -6.73 2.86
C GLN A 171 9.91 -7.68 4.04
N GLN A 172 9.80 -8.98 3.80
CA GLN A 172 9.93 -9.95 4.87
C GLN A 172 11.34 -9.96 5.45
N LEU A 173 12.35 -9.80 4.60
CA LEU A 173 13.71 -9.74 5.11
C LEU A 173 13.93 -8.49 5.94
N ALA A 174 13.28 -7.38 5.57
CA ALA A 174 13.37 -6.20 6.42
C ALA A 174 12.68 -6.42 7.76
N LEU A 175 11.55 -7.15 7.76
CA LEU A 175 10.91 -7.50 9.03
C LEU A 175 11.84 -8.33 9.90
N GLN A 176 12.57 -9.27 9.29
N GLN A 176 12.60 -9.25 9.29
CA GLN A 176 13.58 -10.04 10.02
CA GLN A 176 13.57 -10.04 10.04
C GLN A 176 14.67 -9.13 10.58
C GLN A 176 14.70 -9.17 10.57
N TRP A 177 15.11 -8.17 9.79
CA TRP A 177 16.12 -7.23 10.26
C TRP A 177 15.65 -6.50 11.52
N VAL A 178 14.37 -6.13 11.57
CA VAL A 178 13.83 -5.50 12.78
C VAL A 178 13.84 -6.47 13.95
N GLN A 179 13.42 -7.72 13.73
CA GLN A 179 13.44 -8.71 14.80
C GLN A 179 14.83 -8.86 15.38
N LYS A 180 15.85 -8.90 14.52
CA LYS A 180 17.22 -9.14 14.96
C LYS A 180 17.94 -7.88 15.47
N ASN A 181 17.48 -6.69 15.10
CA ASN A 181 18.28 -5.49 15.36
C ASN A 181 17.57 -4.40 16.14
N ILE A 182 16.24 -4.36 16.16
CA ILE A 182 15.60 -3.14 16.68
C ILE A 182 15.81 -2.95 18.19
N ALA A 183 16.14 -4.01 18.93
CA ALA A 183 16.36 -3.82 20.37
C ALA A 183 17.56 -2.89 20.62
N ALA A 184 18.57 -2.96 19.75
CA ALA A 184 19.73 -2.08 19.88
C ALA A 184 19.35 -0.61 19.73
N PHE A 185 18.24 -0.33 19.05
CA PHE A 185 17.75 1.04 18.89
C PHE A 185 16.75 1.43 19.96
N GLY A 186 16.48 0.54 20.91
CA GLY A 186 15.50 0.82 21.95
C GLY A 186 14.11 0.32 21.64
N GLY A 187 13.96 -0.56 20.65
CA GLY A 187 12.66 -1.04 20.24
C GLY A 187 12.35 -2.41 20.81
N ASN A 188 11.06 -2.71 20.86
CA ASN A 188 10.58 -4.00 21.31
C ASN A 188 10.25 -4.89 20.13
N PRO A 189 11.06 -5.91 19.80
CA PRO A 189 10.70 -6.80 18.70
C PRO A 189 9.40 -7.58 18.92
N LYS A 190 8.87 -7.61 20.15
CA LYS A 190 7.61 -8.28 20.45
C LYS A 190 6.41 -7.37 20.30
N SER A 191 6.61 -6.08 20.00
CA SER A 191 5.52 -5.13 19.77
C SER A 191 5.75 -4.44 18.43
N VAL A 192 5.53 -5.17 17.34
CA VAL A 192 5.75 -4.68 15.99
C VAL A 192 4.41 -4.68 15.25
N THR A 193 4.02 -3.51 14.74
CA THR A 193 2.80 -3.37 13.96
C THR A 193 3.13 -2.96 12.53
N LEU A 194 2.66 -3.75 11.55
CA LEU A 194 2.78 -3.37 10.14
C LEU A 194 1.64 -2.43 9.77
N PHE A 195 1.96 -1.40 8.99
CA PHE A 195 0.89 -0.61 8.39
C PHE A 195 1.33 -0.19 6.99
N GLY A 196 0.32 0.02 6.13
CA GLY A 196 0.57 0.26 4.72
C GLY A 196 -0.70 0.71 4.04
N GLU A 197 -0.53 1.28 2.85
CA GLU A 197 -1.65 1.81 2.09
C GLU A 197 -1.63 1.23 0.67
N SER A 198 -2.82 0.99 0.12
CA SER A 198 -3.00 0.42 -1.21
CA SER A 198 -2.98 0.42 -1.22
C SER A 198 -2.19 -0.87 -1.37
N ALA A 199 -1.25 -0.92 -2.33
CA ALA A 199 -0.44 -2.13 -2.46
C ALA A 199 0.35 -2.44 -1.18
N GLY A 200 0.67 -1.42 -0.39
CA GLY A 200 1.31 -1.67 0.89
C GLY A 200 0.37 -2.35 1.88
N ALA A 201 -0.91 -1.96 1.86
CA ALA A 201 -1.92 -2.62 2.68
C ALA A 201 -2.20 -4.04 2.20
N ALA A 202 -2.30 -4.24 0.87
CA ALA A 202 -2.41 -5.59 0.35
C ALA A 202 -1.22 -6.44 0.76
N SER A 203 -0.01 -5.85 0.75
CA SER A 203 1.19 -6.52 1.25
C SER A 203 1.02 -6.94 2.70
N VAL A 204 0.59 -6.01 3.56
CA VAL A 204 0.38 -6.35 4.98
C VAL A 204 -0.58 -7.52 5.11
N SER A 205 -1.68 -7.51 4.33
CA SER A 205 -2.66 -8.59 4.43
C SER A 205 -2.07 -9.92 4.01
N LEU A 206 -1.09 -9.91 3.09
CA LEU A 206 -0.42 -11.12 2.66
C LEU A 206 0.60 -11.60 3.67
N HIS A 207 1.25 -10.68 4.39
CA HIS A 207 2.08 -11.10 5.52
C HIS A 207 1.25 -11.78 6.61
N LEU A 208 -0.05 -11.44 6.71
CA LEU A 208 -0.91 -12.15 7.66
C LEU A 208 -1.15 -13.59 7.23
N LEU A 209 -1.03 -13.88 5.93
CA LEU A 209 -1.21 -15.23 5.40
C LEU A 209 0.08 -16.02 5.28
N SER A 210 1.24 -15.37 5.35
CA SER A 210 2.50 -16.02 5.01
C SER A 210 3.08 -16.72 6.23
N PRO A 211 3.35 -18.03 6.18
CA PRO A 211 3.99 -18.69 7.32
C PRO A 211 5.34 -18.10 7.67
N GLY A 212 6.11 -17.60 6.70
CA GLY A 212 7.41 -17.03 7.01
C GLY A 212 7.34 -15.68 7.70
N SER A 213 6.20 -15.01 7.64
CA SER A 213 6.06 -13.73 8.33
C SER A 213 5.38 -13.85 9.68
N HIS A 214 4.91 -15.06 10.04
CA HIS A 214 4.04 -15.21 11.21
C HIS A 214 4.69 -14.66 12.48
N SER A 215 5.96 -14.93 12.69
CA SER A 215 6.64 -14.54 13.92
CA SER A 215 6.62 -14.52 13.94
C SER A 215 7.37 -13.20 13.80
N LEU A 216 7.16 -12.46 12.71
CA LEU A 216 7.89 -11.22 12.47
C LEU A 216 7.12 -9.97 12.87
N PHE A 217 5.87 -10.09 13.32
CA PHE A 217 5.10 -8.91 13.69
C PHE A 217 3.97 -9.32 14.62
N THR A 218 3.33 -8.31 15.22
CA THR A 218 2.26 -8.51 16.19
C THR A 218 0.88 -8.24 15.61
N ARG A 219 0.69 -7.07 15.01
CA ARG A 219 -0.60 -6.55 14.61
C ARG A 219 -0.47 -5.91 13.23
N ALA A 220 -1.62 -5.60 12.61
CA ALA A 220 -1.64 -5.09 11.24
C ALA A 220 -2.68 -3.99 11.07
N ILE A 221 -2.33 -3.04 10.20
CA ILE A 221 -3.19 -1.92 9.79
C ILE A 221 -3.22 -1.86 8.26
N LEU A 222 -4.42 -1.86 7.68
CA LEU A 222 -4.61 -1.89 6.23
CA LEU A 222 -4.62 -1.90 6.23
C LEU A 222 -5.37 -0.65 5.79
N GLN A 223 -4.67 0.30 5.17
CA GLN A 223 -5.29 1.52 4.65
C GLN A 223 -5.56 1.37 3.14
N SER A 224 -6.84 1.37 2.76
CA SER A 224 -7.25 1.36 1.34
C SER A 224 -6.62 0.22 0.54
N GLY A 225 -6.65 -0.99 1.09
CA GLY A 225 -6.16 -2.13 0.33
C GLY A 225 -6.16 -3.45 1.07
N SER A 226 -6.27 -4.55 0.34
CA SER A 226 -6.24 -5.90 0.90
C SER A 226 -6.05 -6.88 -0.25
N PHE A 227 -5.55 -8.09 0.07
CA PHE A 227 -5.17 -8.99 -1.03
C PHE A 227 -6.36 -9.43 -1.88
N ASN A 228 -7.58 -9.38 -1.33
CA ASN A 228 -8.73 -9.81 -2.12
C ASN A 228 -9.23 -8.75 -3.08
N ALA A 229 -8.61 -7.56 -3.10
CA ALA A 229 -8.94 -6.57 -4.10
C ALA A 229 -8.65 -7.14 -5.50
N PRO A 230 -9.45 -6.80 -6.50
CA PRO A 230 -9.32 -7.48 -7.81
C PRO A 230 -7.98 -7.22 -8.50
N TRP A 231 -7.27 -6.16 -8.11
CA TRP A 231 -5.97 -5.84 -8.68
C TRP A 231 -4.79 -6.48 -7.95
N ALA A 232 -4.99 -7.12 -6.80
CA ALA A 232 -3.86 -7.37 -5.90
C ALA A 232 -3.06 -8.64 -6.19
N VAL A 233 -3.67 -9.69 -6.75
CA VAL A 233 -2.99 -10.97 -6.91
C VAL A 233 -3.07 -11.38 -8.37
N THR A 234 -1.93 -11.74 -8.95
CA THR A 234 -1.85 -12.18 -10.34
C THR A 234 -1.98 -13.70 -10.39
N SER A 235 -2.89 -14.19 -11.24
CA SER A 235 -3.06 -15.63 -11.40
C SER A 235 -1.83 -16.28 -12.02
N LEU A 236 -1.68 -17.59 -11.78
CA LEU A 236 -0.54 -18.35 -12.31
C LEU A 236 -0.43 -18.25 -13.82
N TYR A 237 -1.55 -18.40 -14.52
CA TYR A 237 -1.51 -18.40 -15.98
C TYR A 237 -1.21 -17.02 -16.49
N GLU A 238 -1.88 -16.02 -15.92
CA GLU A 238 -1.63 -14.65 -16.32
C GLU A 238 -0.20 -14.23 -16.05
N ALA A 239 0.37 -14.66 -14.92
CA ALA A 239 1.76 -14.35 -14.62
C ALA A 239 2.71 -14.94 -15.67
N ARG A 240 2.48 -16.19 -16.06
CA ARG A 240 3.32 -16.83 -17.06
C ARG A 240 3.22 -16.13 -18.41
N ASN A 241 2.00 -15.82 -18.86
CA ASN A 241 1.83 -15.10 -20.12
C ASN A 241 2.56 -13.76 -20.10
N ARG A 242 2.59 -13.09 -18.95
CA ARG A 242 3.24 -11.78 -18.89
C ARG A 242 4.76 -11.91 -18.89
N THR A 243 5.30 -12.90 -18.17
CA THR A 243 6.73 -13.16 -18.24
C THR A 243 7.17 -13.49 -19.66
N LEU A 244 6.40 -14.34 -20.36
CA LEU A 244 6.75 -14.69 -21.73
C LEU A 244 6.53 -13.53 -22.67
N ASN A 245 5.46 -12.74 -22.47
CA ASN A 245 5.26 -11.55 -23.30
C ASN A 245 6.42 -10.57 -23.14
N LEU A 246 6.90 -10.38 -21.91
CA LEU A 246 8.07 -9.53 -21.71
C LEU A 246 9.29 -10.10 -22.42
N ALA A 247 9.43 -11.43 -22.44
CA ALA A 247 10.56 -12.05 -23.13
C ALA A 247 10.51 -11.77 -24.62
N LYS A 248 9.33 -11.94 -25.22
CA LYS A 248 9.17 -11.61 -26.64
C LYS A 248 9.55 -10.16 -26.90
N LEU A 249 9.01 -9.24 -26.09
CA LEU A 249 9.20 -7.81 -26.33
C LEU A 249 10.64 -7.36 -26.15
N THR A 250 11.48 -8.14 -25.47
CA THR A 250 12.88 -7.79 -25.26
C THR A 250 13.83 -8.67 -26.06
N GLY A 251 13.31 -9.52 -26.95
CA GLY A 251 14.16 -10.41 -27.70
C GLY A 251 14.69 -11.60 -26.91
N CYS A 252 14.03 -11.96 -25.81
CA CYS A 252 14.52 -12.99 -24.90
C CYS A 252 13.73 -14.28 -24.97
N SER A 253 12.85 -14.44 -25.95
CA SER A 253 12.11 -15.69 -26.11
C SER A 253 13.05 -16.85 -26.32
N ARG A 254 13.14 -17.75 -25.34
CA ARG A 254 13.89 -18.99 -25.42
C ARG A 254 12.91 -20.15 -25.20
N GLU A 255 13.43 -21.37 -25.34
CA GLU A 255 12.65 -22.57 -25.13
C GLU A 255 12.84 -23.11 -23.71
N ASN A 256 14.08 -23.17 -23.25
CA ASN A 256 14.38 -23.38 -21.85
C ASN A 256 14.11 -22.05 -21.12
N GLU A 257 13.11 -22.05 -20.22
CA GLU A 257 12.73 -20.82 -19.53
CA GLU A 257 12.77 -20.77 -19.60
C GLU A 257 13.85 -20.28 -18.65
N THR A 258 14.74 -21.16 -18.18
CA THR A 258 15.84 -20.68 -17.35
C THR A 258 16.81 -19.81 -18.15
N GLU A 259 16.95 -20.03 -19.47
CA GLU A 259 17.75 -19.09 -20.26
C GLU A 259 16.95 -17.88 -20.72
N ILE A 260 15.61 -17.95 -20.69
CA ILE A 260 14.83 -16.72 -20.81
C ILE A 260 15.24 -15.74 -19.72
N ILE A 261 15.34 -16.24 -18.48
CA ILE A 261 15.68 -15.39 -17.34
C ILE A 261 17.11 -14.90 -17.45
N LYS A 262 18.03 -15.75 -17.89
CA LYS A 262 19.41 -15.32 -18.09
C LYS A 262 19.48 -14.20 -19.12
N CYS A 263 18.69 -14.31 -20.19
CA CYS A 263 18.63 -13.23 -21.17
C CYS A 263 18.11 -11.94 -20.55
N LEU A 264 17.03 -12.02 -19.77
CA LEU A 264 16.49 -10.82 -19.15
C LEU A 264 17.46 -10.23 -18.13
N ARG A 265 18.35 -11.06 -17.56
CA ARG A 265 19.32 -10.57 -16.59
C ARG A 265 20.45 -9.77 -17.22
N ASN A 266 20.55 -9.77 -18.55
CA ASN A 266 21.55 -8.98 -19.25
C ASN A 266 20.97 -7.75 -19.91
N LYS A 267 19.64 -7.60 -19.91
CA LYS A 267 19.03 -6.37 -20.39
C LYS A 267 19.29 -5.24 -19.38
N ASP A 268 19.36 -4.02 -19.90
CA ASP A 268 19.44 -2.87 -19.00
C ASP A 268 18.09 -2.67 -18.30
N PRO A 269 18.11 -2.17 -17.05
CA PRO A 269 16.84 -1.92 -16.36
C PRO A 269 15.85 -1.12 -17.18
N GLN A 270 16.32 -0.14 -17.95
CA GLN A 270 15.41 0.72 -18.69
C GLN A 270 14.69 -0.03 -19.81
N GLU A 271 15.32 -1.05 -20.39
CA GLU A 271 14.65 -1.80 -21.45
C GLU A 271 13.53 -2.67 -20.87
N ILE A 272 13.74 -3.20 -19.66
CA ILE A 272 12.67 -3.92 -18.98
C ILE A 272 11.54 -2.96 -18.62
N LEU A 273 11.88 -1.79 -18.07
CA LEU A 273 10.86 -0.84 -17.62
C LEU A 273 9.98 -0.39 -18.77
N LEU A 274 10.58 -0.11 -19.94
CA LEU A 274 9.80 0.43 -21.04
C LEU A 274 8.84 -0.59 -21.62
N ASN A 275 9.11 -1.89 -21.44
CA ASN A 275 8.24 -2.89 -22.01
C ASN A 275 7.21 -3.45 -21.02
N GLU A 276 7.34 -3.14 -19.73
CA GLU A 276 6.42 -3.66 -18.72
C GLU A 276 4.97 -3.37 -19.07
N ALA A 277 4.69 -2.17 -19.59
CA ALA A 277 3.31 -1.76 -19.83
C ALA A 277 2.61 -2.60 -20.89
N PHE A 278 3.36 -3.28 -21.76
CA PHE A 278 2.79 -3.93 -22.92
C PHE A 278 2.64 -5.43 -22.77
N VAL A 279 2.95 -6.01 -21.60
CA VAL A 279 2.84 -7.46 -21.45
C VAL A 279 1.36 -7.84 -21.36
N VAL A 280 0.48 -6.85 -21.34
CA VAL A 280 -0.96 -7.05 -21.25
CA VAL A 280 -0.95 -7.08 -21.28
C VAL A 280 -1.61 -6.46 -22.51
N PRO A 281 -2.66 -7.07 -23.07
CA PRO A 281 -3.27 -6.51 -24.28
C PRO A 281 -4.03 -5.21 -24.03
N TYR A 282 -4.85 -5.18 -22.99
CA TYR A 282 -5.67 -4.02 -22.64
C TYR A 282 -5.39 -3.67 -21.18
N GLY A 283 -4.78 -2.51 -20.96
CA GLY A 283 -4.51 -2.04 -19.62
C GLY A 283 -5.52 -1.01 -19.15
N THR A 284 -5.53 -0.77 -17.84
CA THR A 284 -6.41 0.20 -17.20
C THR A 284 -5.58 1.03 -16.24
N PRO A 285 -6.12 2.14 -15.75
CA PRO A 285 -5.40 2.89 -14.70
C PRO A 285 -5.19 2.10 -13.42
N LEU A 286 -5.81 0.92 -13.28
CA LEU A 286 -5.59 0.09 -12.11
C LEU A 286 -4.76 -1.15 -12.45
N SER A 287 -4.11 -1.16 -13.61
CA SER A 287 -3.32 -2.32 -14.01
C SER A 287 -2.19 -2.59 -13.02
N VAL A 288 -2.02 -3.85 -12.69
CA VAL A 288 -0.92 -4.32 -11.87
C VAL A 288 -0.24 -5.41 -12.71
N ASN A 289 0.66 -4.98 -13.59
CA ASN A 289 1.19 -5.91 -14.58
C ASN A 289 1.99 -7.01 -13.91
N PHE A 290 2.82 -6.66 -12.93
CA PHE A 290 3.63 -7.61 -12.18
C PHE A 290 3.34 -7.41 -10.71
N GLY A 291 2.62 -8.35 -10.11
CA GLY A 291 2.31 -8.28 -8.70
C GLY A 291 2.43 -9.63 -8.02
N PRO A 292 1.87 -9.75 -6.82
CA PRO A 292 1.94 -11.01 -6.08
C PRO A 292 1.31 -12.17 -6.85
N THR A 293 1.89 -13.36 -6.67
CA THR A 293 1.39 -14.58 -7.27
C THR A 293 1.45 -15.69 -6.22
N VAL A 294 0.69 -16.76 -6.45
CA VAL A 294 0.80 -17.95 -5.61
C VAL A 294 2.07 -18.68 -6.04
N ASP A 295 3.12 -18.55 -5.24
CA ASP A 295 4.43 -19.08 -5.57
C ASP A 295 4.76 -20.39 -4.85
N GLY A 296 3.90 -20.85 -3.96
CA GLY A 296 4.24 -22.01 -3.13
C GLY A 296 5.31 -21.77 -2.09
N ASP A 297 5.66 -20.50 -1.83
CA ASP A 297 6.73 -20.20 -0.88
C ASP A 297 6.27 -19.12 0.10
N PHE A 298 6.19 -17.87 -0.37
CA PHE A 298 5.58 -16.82 0.45
C PHE A 298 4.08 -17.08 0.63
N LEU A 299 3.42 -17.53 -0.42
CA LEU A 299 1.98 -17.76 -0.45
CA LEU A 299 1.98 -17.77 -0.45
C LEU A 299 1.74 -19.21 -0.85
N THR A 300 1.26 -20.03 0.09
CA THR A 300 1.18 -21.47 -0.09
C THR A 300 -0.06 -21.94 -0.85
N ASP A 301 -1.05 -21.08 -1.04
CA ASP A 301 -2.29 -21.47 -1.69
C ASP A 301 -2.96 -20.18 -2.14
N MET A 302 -4.04 -20.32 -2.89
CA MET A 302 -4.77 -19.14 -3.30
C MET A 302 -5.28 -18.40 -2.06
N PRO A 303 -4.99 -17.11 -1.94
CA PRO A 303 -5.24 -16.43 -0.66
C PRO A 303 -6.71 -16.35 -0.28
N ASP A 304 -7.61 -16.27 -1.26
CA ASP A 304 -9.03 -16.33 -0.95
C ASP A 304 -9.38 -17.61 -0.19
N ILE A 305 -8.77 -18.74 -0.58
CA ILE A 305 -9.03 -19.99 0.14
C ILE A 305 -8.50 -19.92 1.55
N LEU A 306 -7.26 -19.46 1.71
CA LEU A 306 -6.68 -19.34 3.05
C LEU A 306 -7.54 -18.45 3.95
N LEU A 307 -8.07 -17.37 3.40
CA LEU A 307 -8.87 -16.45 4.20
C LEU A 307 -10.21 -17.11 4.58
N GLU A 308 -10.86 -17.72 3.59
CA GLU A 308 -12.14 -18.37 3.82
C GLU A 308 -12.05 -19.44 4.90
N LEU A 309 -10.93 -20.17 4.95
CA LEU A 309 -10.80 -21.31 5.84
C LEU A 309 -9.97 -21.01 7.08
N GLY A 310 -9.70 -19.73 7.35
CA GLY A 310 -9.13 -19.33 8.62
C GLY A 310 -7.66 -19.59 8.79
N GLN A 311 -6.92 -19.74 7.69
CA GLN A 311 -5.48 -20.02 7.75
C GLN A 311 -4.70 -18.72 7.65
N PHE A 312 -4.65 -18.00 8.77
CA PHE A 312 -3.93 -16.73 8.84
C PHE A 312 -3.56 -16.46 10.28
N LYS A 313 -2.62 -15.53 10.45
CA LYS A 313 -2.19 -15.11 11.77
C LYS A 313 -3.37 -14.54 12.56
N LYS A 314 -3.59 -15.09 13.76
CA LYS A 314 -4.70 -14.67 14.61
C LYS A 314 -4.25 -13.50 15.46
N THR A 315 -4.70 -12.30 15.12
CA THR A 315 -4.31 -11.07 15.82
C THR A 315 -5.37 -10.00 15.53
N GLN A 316 -5.17 -8.81 16.08
CA GLN A 316 -6.07 -7.70 15.81
C GLN A 316 -5.68 -7.00 14.51
N ILE A 317 -6.68 -6.47 13.82
CA ILE A 317 -6.45 -5.70 12.61
C ILE A 317 -7.24 -4.40 12.67
N LEU A 318 -6.68 -3.37 12.04
CA LEU A 318 -7.35 -2.10 11.83
C LEU A 318 -7.38 -1.87 10.33
N VAL A 319 -8.57 -1.64 9.77
CA VAL A 319 -8.79 -1.57 8.33
C VAL A 319 -9.66 -0.37 8.04
N GLY A 320 -9.40 0.30 6.93
CA GLY A 320 -10.33 1.36 6.55
C GLY A 320 -10.12 1.78 5.11
N VAL A 321 -10.98 2.71 4.67
CA VAL A 321 -10.98 3.22 3.31
C VAL A 321 -11.37 4.69 3.36
N ASN A 322 -11.15 5.38 2.25
CA ASN A 322 -11.53 6.77 2.09
C ASN A 322 -12.85 6.88 1.33
N LYS A 323 -13.49 8.02 1.50
CA LYS A 323 -14.82 8.24 0.94
C LYS A 323 -14.81 8.22 -0.60
N ASP A 324 -13.76 8.78 -1.23
CA ASP A 324 -13.75 8.79 -2.68
C ASP A 324 -12.55 8.07 -3.28
N GLU A 325 -12.35 6.80 -2.90
CA GLU A 325 -11.26 5.99 -3.42
C GLU A 325 -11.16 6.02 -4.95
N GLY A 326 -12.28 6.07 -5.65
CA GLY A 326 -12.22 5.82 -7.09
C GLY A 326 -11.89 7.00 -7.97
N THR A 327 -11.99 8.24 -7.45
CA THR A 327 -11.93 9.41 -8.34
C THR A 327 -10.54 9.61 -8.93
N ALA A 328 -9.49 9.34 -8.16
CA ALA A 328 -8.11 9.57 -8.62
C ALA A 328 -7.81 8.86 -9.94
N PHE A 329 -8.45 7.71 -10.19
CA PHE A 329 -8.16 6.93 -11.38
C PHE A 329 -8.89 7.44 -12.62
N LEU A 330 -9.93 8.25 -12.45
CA LEU A 330 -10.78 8.67 -13.57
C LEU A 330 -10.08 9.64 -14.51
N VAL A 331 -9.22 10.50 -13.97
CA VAL A 331 -8.59 11.54 -14.78
C VAL A 331 -7.41 10.98 -15.54
N TYR A 332 -7.19 9.67 -15.47
CA TYR A 332 -6.12 9.01 -16.20
C TYR A 332 -6.65 8.14 -17.35
N GLY A 333 -7.75 8.56 -17.98
CA GLY A 333 -8.21 7.79 -19.12
C GLY A 333 -9.70 7.83 -19.42
N ALA A 334 -10.53 8.01 -18.40
CA ALA A 334 -11.97 8.02 -18.63
C ALA A 334 -12.36 9.23 -19.48
N PRO A 335 -13.18 9.05 -20.51
CA PRO A 335 -13.51 10.18 -21.39
C PRO A 335 -14.38 11.22 -20.70
N GLY A 336 -14.08 12.48 -20.98
CA GLY A 336 -14.80 13.60 -20.40
C GLY A 336 -14.31 14.03 -19.03
N PHE A 337 -13.32 13.35 -18.48
CA PHE A 337 -12.80 13.65 -17.15
C PHE A 337 -11.54 14.49 -17.24
N SER A 338 -11.41 15.45 -16.34
CA SER A 338 -10.21 16.26 -16.29
C SER A 338 -10.07 16.86 -14.89
N LYS A 339 -8.85 16.90 -14.40
CA LYS A 339 -8.62 17.61 -13.14
C LYS A 339 -8.84 19.11 -13.27
N ASP A 340 -8.97 19.64 -14.48
CA ASP A 340 -9.02 21.09 -14.69
C ASP A 340 -10.41 21.59 -15.05
N ASN A 341 -11.44 20.75 -14.99
CA ASN A 341 -12.83 21.18 -15.03
C ASN A 341 -13.64 20.22 -14.15
N ASN A 342 -14.93 20.47 -14.03
CA ASN A 342 -15.75 19.71 -13.08
C ASN A 342 -16.25 18.38 -13.66
N SER A 343 -15.79 18.01 -14.86
CA SER A 343 -15.96 16.67 -15.41
C SER A 343 -17.40 16.18 -15.34
N ILE A 344 -18.35 17.06 -15.67
CA ILE A 344 -19.73 16.63 -15.86
C ILE A 344 -19.78 15.79 -17.13
N ILE A 345 -20.00 14.49 -17.00
CA ILE A 345 -20.02 13.58 -18.12
C ILE A 345 -21.45 13.14 -18.38
N THR A 346 -21.67 12.54 -19.55
CA THR A 346 -22.98 12.08 -19.98
C THR A 346 -23.11 10.57 -19.81
N ARG A 347 -24.34 10.09 -20.00
CA ARG A 347 -24.58 8.64 -19.97
C ARG A 347 -23.65 7.92 -20.93
N LYS A 348 -23.49 8.44 -22.14
CA LYS A 348 -22.64 7.79 -23.14
C LYS A 348 -21.18 7.75 -22.69
N GLU A 349 -20.70 8.84 -22.08
CA GLU A 349 -19.34 8.85 -21.58
C GLU A 349 -19.16 7.87 -20.41
N PHE A 350 -20.15 7.80 -19.51
CA PHE A 350 -20.14 6.79 -18.46
C PHE A 350 -19.97 5.39 -19.04
N GLN A 351 -20.70 5.08 -20.11
CA GLN A 351 -20.59 3.75 -20.71
C GLN A 351 -19.20 3.52 -21.28
N GLU A 352 -18.62 4.55 -21.90
CA GLU A 352 -17.25 4.43 -22.41
C GLU A 352 -16.25 4.24 -21.28
N GLY A 353 -16.47 4.92 -20.15
CA GLY A 353 -15.59 4.73 -19.00
C GLY A 353 -15.60 3.31 -18.48
N LEU A 354 -16.79 2.67 -18.48
CA LEU A 354 -16.87 1.27 -18.09
C LEU A 354 -16.01 0.39 -19.00
N LYS A 355 -15.95 0.73 -20.30
CA LYS A 355 -15.08 -0.02 -21.19
C LYS A 355 -13.62 0.19 -20.85
N ILE A 356 -13.27 1.41 -20.41
CA ILE A 356 -11.91 1.70 -19.97
C ILE A 356 -11.57 0.87 -18.74
N PHE A 357 -12.47 0.87 -17.75
CA PHE A 357 -12.14 0.24 -16.48
C PHE A 357 -12.44 -1.25 -16.44
N PHE A 358 -13.29 -1.77 -17.34
CA PHE A 358 -13.62 -3.19 -17.36
C PHE A 358 -13.44 -3.75 -18.77
N PRO A 359 -12.24 -3.64 -19.33
CA PRO A 359 -12.07 -3.99 -20.76
C PRO A 359 -12.30 -5.45 -21.06
N GLY A 360 -11.94 -6.37 -20.17
CA GLY A 360 -12.12 -7.78 -20.46
C GLY A 360 -13.44 -8.36 -19.96
N VAL A 361 -14.39 -7.48 -19.66
CA VAL A 361 -15.67 -7.87 -19.10
C VAL A 361 -16.70 -7.92 -20.21
N SER A 362 -17.58 -8.92 -20.14
CA SER A 362 -18.63 -9.09 -21.14
C SER A 362 -19.55 -7.88 -21.18
N GLU A 363 -20.21 -7.74 -22.33
CA GLU A 363 -21.22 -6.70 -22.51
CA GLU A 363 -21.19 -6.68 -22.50
C GLU A 363 -22.28 -6.74 -21.42
N PHE A 364 -22.67 -7.95 -21.00
CA PHE A 364 -23.69 -8.08 -19.98
C PHE A 364 -23.16 -7.65 -18.61
N GLY A 365 -21.90 -7.98 -18.31
CA GLY A 365 -21.29 -7.49 -17.08
C GLY A 365 -21.29 -5.98 -16.99
N LYS A 366 -20.91 -5.31 -18.07
CA LYS A 366 -20.88 -3.85 -18.03
C LYS A 366 -22.29 -3.27 -17.90
N GLU A 367 -23.28 -3.89 -18.56
CA GLU A 367 -24.66 -3.44 -18.40
C GLU A 367 -25.12 -3.58 -16.96
N SER A 368 -24.69 -4.66 -16.28
CA SER A 368 -25.14 -4.86 -14.91
C SER A 368 -24.60 -3.77 -13.99
N ILE A 369 -23.36 -3.31 -14.25
CA ILE A 369 -22.84 -2.17 -13.49
C ILE A 369 -23.69 -0.94 -13.76
N LEU A 370 -23.93 -0.64 -15.05
CA LEU A 370 -24.77 0.49 -15.40
C LEU A 370 -26.14 0.43 -14.74
N PHE A 371 -26.77 -0.75 -14.77
CA PHE A 371 -28.12 -0.88 -14.21
C PHE A 371 -28.13 -0.58 -12.72
N HIS A 372 -27.16 -1.14 -11.99
CA HIS A 372 -27.18 -0.98 -10.54
C HIS A 372 -26.80 0.43 -10.09
N TYR A 373 -25.90 1.10 -10.81
CA TYR A 373 -25.42 2.39 -10.33
C TYR A 373 -26.15 3.59 -10.93
N THR A 374 -27.00 3.41 -11.94
CA THR A 374 -27.63 4.54 -12.63
C THR A 374 -29.12 4.67 -12.38
N ASP A 375 -29.74 3.79 -11.59
CA ASP A 375 -31.15 4.00 -11.25
C ASP A 375 -31.19 4.90 -10.03
N TRP A 376 -31.10 6.20 -10.27
CA TRP A 376 -31.02 7.19 -9.22
C TRP A 376 -32.37 7.86 -8.96
N VAL A 377 -32.38 8.65 -7.89
CA VAL A 377 -33.48 9.48 -7.45
C VAL A 377 -34.05 10.28 -8.62
N ASP A 378 -33.44 11.42 -8.90
CA ASP A 378 -33.82 12.26 -10.03
C ASP A 378 -32.71 12.26 -11.07
N ASP A 379 -33.10 12.23 -12.35
CA ASP A 379 -32.18 12.50 -13.44
C ASP A 379 -31.88 13.99 -13.59
N GLN A 380 -32.14 14.78 -12.54
CA GLN A 380 -31.92 16.21 -12.61
C GLN A 380 -30.45 16.56 -12.38
N ARG A 381 -29.86 16.05 -11.29
CA ARG A 381 -28.48 16.35 -10.91
C ARG A 381 -27.52 16.06 -12.07
N PRO A 382 -26.77 17.06 -12.55
CA PRO A 382 -25.92 16.83 -13.73
C PRO A 382 -24.66 16.04 -13.44
N GLU A 383 -24.21 16.00 -12.18
CA GLU A 383 -23.03 15.23 -11.83
C GLU A 383 -23.34 13.78 -11.47
N ASN A 384 -24.57 13.31 -11.75
CA ASN A 384 -24.96 11.93 -11.46
C ASN A 384 -23.96 10.94 -12.01
N TYR A 385 -23.69 10.99 -13.32
CA TYR A 385 -22.84 9.99 -13.96
C TYR A 385 -21.38 10.13 -13.52
N ARG A 386 -20.92 11.36 -13.32
CA ARG A 386 -19.58 11.59 -12.81
C ARG A 386 -19.38 10.90 -11.46
N GLU A 387 -20.33 11.10 -10.54
CA GLU A 387 -20.20 10.51 -9.22
C GLU A 387 -20.38 9.00 -9.26
N ALA A 388 -21.23 8.51 -10.17
CA ALA A 388 -21.45 7.06 -10.27
C ALA A 388 -20.19 6.34 -10.73
N LEU A 389 -19.47 6.90 -11.71
CA LEU A 389 -18.28 6.21 -12.20
C LEU A 389 -17.19 6.14 -11.14
N GLY A 390 -17.03 7.21 -10.36
CA GLY A 390 -16.06 7.17 -9.27
C GLY A 390 -16.42 6.14 -8.22
N ASP A 391 -17.70 6.08 -7.84
CA ASP A 391 -18.15 5.08 -6.87
C ASP A 391 -17.96 3.67 -7.41
N VAL A 392 -18.22 3.48 -8.71
CA VAL A 392 -17.99 2.18 -9.35
C VAL A 392 -16.55 1.74 -9.15
N VAL A 393 -15.60 2.62 -9.48
CA VAL A 393 -14.18 2.27 -9.36
C VAL A 393 -13.80 2.10 -7.89
N GLY A 394 -14.29 2.98 -7.03
CA GLY A 394 -13.93 2.90 -5.63
C GLY A 394 -14.52 1.67 -4.94
N ASP A 395 -15.78 1.37 -5.20
CA ASP A 395 -16.42 0.23 -4.52
C ASP A 395 -15.80 -1.08 -4.96
N TYR A 396 -15.65 -1.25 -6.28
CA TYR A 396 -15.12 -2.50 -6.81
C TYR A 396 -13.67 -2.74 -6.38
N ASN A 397 -12.83 -1.72 -6.44
CA ASN A 397 -11.40 -1.93 -6.29
C ASN A 397 -10.90 -1.82 -4.84
N PHE A 398 -11.61 -1.12 -3.96
CA PHE A 398 -11.07 -0.88 -2.63
C PHE A 398 -12.07 -1.14 -1.50
N ILE A 399 -13.24 -0.53 -1.57
CA ILE A 399 -14.11 -0.49 -0.39
C ILE A 399 -14.73 -1.87 -0.14
N CYS A 400 -15.42 -2.43 -1.14
CA CYS A 400 -16.00 -3.75 -0.94
C CYS A 400 -14.97 -4.83 -0.63
N PRO A 401 -13.79 -4.88 -1.27
CA PRO A 401 -12.78 -5.86 -0.82
C PRO A 401 -12.30 -5.65 0.60
N ALA A 402 -12.07 -4.39 1.02
CA ALA A 402 -11.69 -4.11 2.40
C ALA A 402 -12.76 -4.61 3.38
N LEU A 403 -14.03 -4.32 3.08
CA LEU A 403 -15.10 -4.76 3.95
C LEU A 403 -15.20 -6.29 3.99
N GLU A 404 -15.06 -6.96 2.83
CA GLU A 404 -15.14 -8.41 2.79
CA GLU A 404 -15.16 -8.41 2.83
C GLU A 404 -13.96 -9.05 3.53
N PHE A 405 -12.77 -8.46 3.40
CA PHE A 405 -11.62 -8.95 4.14
C PHE A 405 -11.86 -8.84 5.64
N THR A 406 -12.38 -7.71 6.09
CA THR A 406 -12.60 -7.51 7.52
C THR A 406 -13.64 -8.48 8.08
N LYS A 407 -14.74 -8.72 7.34
CA LYS A 407 -15.73 -9.70 7.75
C LYS A 407 -15.12 -11.09 7.90
N LYS A 408 -14.47 -11.58 6.83
CA LYS A 408 -13.94 -12.95 6.85
C LYS A 408 -12.88 -13.12 7.92
N PHE A 409 -12.03 -12.10 8.10
CA PHE A 409 -11.03 -12.16 9.15
C PHE A 409 -11.65 -12.18 10.54
N SER A 410 -12.65 -11.32 10.77
CA SER A 410 -13.24 -11.23 12.10
C SER A 410 -14.04 -12.48 12.46
N GLU A 411 -14.52 -13.23 11.45
CA GLU A 411 -15.32 -14.44 11.72
C GLU A 411 -14.55 -15.51 12.47
N TRP A 412 -13.23 -15.41 12.53
CA TRP A 412 -12.43 -16.39 13.26
C TRP A 412 -12.03 -15.91 14.65
N GLY A 413 -12.73 -14.90 15.17
CA GLY A 413 -12.63 -14.59 16.59
C GLY A 413 -11.87 -13.33 16.95
N ASN A 414 -11.11 -12.72 16.05
CA ASN A 414 -10.26 -11.61 16.46
C ASN A 414 -10.96 -10.27 16.40
N ASN A 415 -10.52 -9.36 17.26
CA ASN A 415 -10.99 -7.98 17.20
C ASN A 415 -10.54 -7.31 15.91
N ALA A 416 -11.48 -6.67 15.23
CA ALA A 416 -11.21 -5.87 14.05
C ALA A 416 -11.87 -4.53 14.25
N PHE A 417 -11.24 -3.50 13.69
CA PHE A 417 -11.70 -2.12 13.77
C PHE A 417 -11.68 -1.53 12.36
N PHE A 418 -12.81 -1.00 11.91
CA PHE A 418 -12.95 -0.48 10.55
C PHE A 418 -13.23 1.01 10.60
N TYR A 419 -12.55 1.80 9.75
CA TYR A 419 -12.78 3.23 9.70
C TYR A 419 -13.20 3.66 8.30
N TYR A 420 -13.91 4.79 8.24
CA TYR A 420 -14.32 5.41 6.98
C TYR A 420 -13.83 6.85 7.02
N PHE A 421 -12.78 7.15 6.25
CA PHE A 421 -12.12 8.45 6.31
C PHE A 421 -12.78 9.40 5.31
N GLU A 422 -13.35 10.50 5.81
CA GLU A 422 -14.14 11.36 4.93
C GLU A 422 -13.80 12.84 5.07
N HIS A 423 -12.56 13.18 5.41
CA HIS A 423 -12.16 14.58 5.39
C HIS A 423 -11.24 14.86 4.21
N ARG A 424 -11.60 15.87 3.41
CA ARG A 424 -10.77 16.31 2.29
C ARG A 424 -9.74 17.35 2.79
N SER A 425 -8.46 17.06 2.57
CA SER A 425 -7.40 17.95 3.01
C SER A 425 -7.59 19.35 2.44
N SER A 426 -7.40 20.37 3.28
CA SER A 426 -7.45 21.74 2.77
C SER A 426 -6.33 22.00 1.77
N LYS A 427 -5.25 21.22 1.82
CA LYS A 427 -4.13 21.38 0.90
C LYS A 427 -4.19 20.45 -0.31
N LEU A 428 -5.32 19.77 -0.52
CA LEU A 428 -5.38 18.78 -1.59
C LEU A 428 -5.25 19.47 -2.94
N PRO A 429 -4.23 19.17 -3.75
CA PRO A 429 -4.03 19.90 -5.01
C PRO A 429 -5.04 19.54 -6.08
N TRP A 430 -5.69 18.38 -5.99
CA TRP A 430 -6.68 18.00 -6.97
C TRP A 430 -7.97 18.79 -6.78
N PRO A 431 -8.83 18.87 -7.80
CA PRO A 431 -10.06 19.65 -7.67
C PRO A 431 -11.04 19.05 -6.68
N GLU A 432 -12.01 19.88 -6.28
CA GLU A 432 -12.93 19.50 -5.21
C GLU A 432 -13.86 18.38 -5.62
N TRP A 433 -14.23 18.28 -6.91
CA TRP A 433 -15.13 17.20 -7.30
C TRP A 433 -14.53 15.83 -7.04
N MET A 434 -13.20 15.72 -6.92
CA MET A 434 -12.60 14.43 -6.64
C MET A 434 -12.69 14.03 -5.18
N GLY A 435 -13.07 14.95 -4.30
CA GLY A 435 -13.43 14.61 -2.92
C GLY A 435 -12.27 14.04 -2.11
N VAL A 436 -12.63 13.10 -1.23
CA VAL A 436 -11.66 12.51 -0.29
C VAL A 436 -10.91 11.38 -1.00
N MET A 437 -9.82 11.74 -1.65
CA MET A 437 -9.19 10.89 -2.64
C MET A 437 -8.38 9.77 -1.99
N HIS A 438 -8.22 8.71 -2.76
CA HIS A 438 -7.27 7.64 -2.50
C HIS A 438 -5.89 8.19 -2.19
N GLY A 439 -5.35 7.81 -1.03
CA GLY A 439 -4.02 8.19 -0.63
C GLY A 439 -3.93 9.44 0.23
N TYR A 440 -5.02 10.18 0.42
CA TYR A 440 -4.89 11.47 1.10
C TYR A 440 -5.34 11.42 2.55
N GLU A 441 -5.44 10.22 3.13
CA GLU A 441 -5.44 10.08 4.57
C GLU A 441 -4.04 9.91 5.11
N ILE A 442 -3.08 9.57 4.24
CA ILE A 442 -1.75 9.19 4.67
C ILE A 442 -1.09 10.33 5.46
N GLU A 443 -1.15 11.55 4.92
CA GLU A 443 -0.53 12.68 5.60
C GLU A 443 -1.11 12.92 7.00
N PHE A 444 -2.38 12.54 7.23
CA PHE A 444 -2.93 12.67 8.57
C PHE A 444 -2.39 11.60 9.51
N VAL A 445 -2.19 10.39 8.98
CA VAL A 445 -1.64 9.29 9.78
C VAL A 445 -0.20 9.58 10.20
N PHE A 446 0.60 10.16 9.29
CA PHE A 446 1.99 10.46 9.62
C PHE A 446 2.14 11.79 10.36
N GLY A 447 1.06 12.50 10.61
CA GLY A 447 1.12 13.64 11.50
C GLY A 447 1.58 14.93 10.85
N LEU A 448 1.54 15.02 9.53
CA LEU A 448 1.96 16.25 8.87
C LEU A 448 1.14 17.46 9.30
N PRO A 449 -0.18 17.38 9.51
CA PRO A 449 -0.91 18.58 9.98
C PRO A 449 -0.57 19.02 11.40
N LEU A 450 0.24 18.27 12.14
CA LEU A 450 0.66 18.76 13.45
C LEU A 450 1.71 19.86 13.33
N GLU A 451 2.32 20.00 12.15
CA GLU A 451 3.25 21.08 11.87
C GLU A 451 2.44 22.34 11.56
N ARG A 452 2.35 23.24 12.55
CA ARG A 452 1.61 24.49 12.35
C ARG A 452 2.15 25.30 11.18
N ARG A 453 3.45 25.23 10.93
CA ARG A 453 4.09 26.01 9.87
C ARG A 453 3.64 25.61 8.47
N ASP A 454 2.70 24.67 8.31
CA ASP A 454 2.44 24.09 6.99
C ASP A 454 1.01 24.28 6.50
N GLN A 455 0.30 25.29 6.98
CA GLN A 455 -0.93 25.79 6.35
C GLN A 455 -2.10 24.78 6.38
N TYR A 456 -2.13 23.88 7.36
CA TYR A 456 -3.32 23.10 7.63
C TYR A 456 -4.20 23.85 8.62
N THR A 457 -5.52 23.61 8.54
CA THR A 457 -6.44 24.24 9.48
C THR A 457 -6.24 23.67 10.88
N LYS A 458 -6.80 24.35 11.88
CA LYS A 458 -6.70 23.86 13.25
C LYS A 458 -7.53 22.59 13.45
N ALA A 459 -8.67 22.50 12.78
CA ALA A 459 -9.46 21.27 12.85
C ALA A 459 -8.70 20.09 12.27
N GLU A 460 -7.83 20.35 11.29
CA GLU A 460 -7.01 19.28 10.69
C GLU A 460 -5.88 18.86 11.62
N GLU A 461 -5.29 19.81 12.35
CA GLU A 461 -4.33 19.44 13.39
C GLU A 461 -4.97 18.55 14.44
N ILE A 462 -6.21 18.88 14.84
CA ILE A 462 -6.89 18.07 15.86
C ILE A 462 -7.20 16.69 15.30
N LEU A 463 -7.68 16.62 14.05
CA LEU A 463 -8.01 15.32 13.47
C LEU A 463 -6.76 14.44 13.37
N SER A 464 -5.66 15.01 12.89
CA SER A 464 -4.43 14.24 12.75
C SER A 464 -3.91 13.81 14.12
N ARG A 465 -3.96 14.69 15.11
CA ARG A 465 -3.53 14.31 16.46
C ARG A 465 -4.32 13.13 16.98
N SER A 466 -5.63 13.12 16.74
CA SER A 466 -6.47 12.02 17.22
C SER A 466 -6.14 10.73 16.46
N ILE A 467 -6.02 10.81 15.13
CA ILE A 467 -5.69 9.61 14.34
C ILE A 467 -4.35 9.04 14.76
N VAL A 468 -3.35 9.91 14.95
CA VAL A 468 -2.02 9.46 15.37
C VAL A 468 -2.11 8.70 16.68
N LYS A 469 -2.88 9.24 17.63
CA LYS A 469 -3.04 8.56 18.93
C LYS A 469 -3.77 7.24 18.78
N ARG A 470 -4.83 7.20 17.96
CA ARG A 470 -5.55 5.94 17.77
C ARG A 470 -4.66 4.88 17.14
N TRP A 471 -3.92 5.24 16.09
CA TRP A 471 -2.99 4.31 15.44
C TRP A 471 -1.94 3.79 16.42
N ALA A 472 -1.36 4.70 17.21
CA ALA A 472 -0.33 4.30 18.16
C ALA A 472 -0.92 3.43 19.28
N ASN A 473 -2.11 3.78 19.79
CA ASN A 473 -2.75 2.93 20.78
C ASN A 473 -3.10 1.56 20.20
N PHE A 474 -3.46 1.51 18.90
CA PHE A 474 -3.67 0.20 18.29
C PHE A 474 -2.38 -0.60 18.29
N ALA A 475 -1.26 0.04 17.91
CA ALA A 475 0.00 -0.67 17.85
C ALA A 475 0.47 -1.11 19.24
N LYS A 476 0.39 -0.21 20.22
CA LYS A 476 0.85 -0.54 21.57
C LYS A 476 -0.08 -1.55 22.25
N TYR A 477 -1.39 -1.40 22.10
CA TYR A 477 -2.34 -2.11 22.96
C TYR A 477 -3.43 -2.87 22.22
N GLY A 478 -3.45 -2.82 20.88
CA GLY A 478 -4.46 -3.55 20.13
C GLY A 478 -5.83 -2.93 20.17
N ASN A 479 -5.93 -1.66 20.52
CA ASN A 479 -7.21 -1.02 20.77
C ASN A 479 -7.14 0.45 20.35
N PRO A 480 -7.75 0.85 19.20
CA PRO A 480 -7.51 2.17 18.60
C PRO A 480 -8.33 3.30 19.24
N GLN A 481 -8.25 3.41 20.56
CA GLN A 481 -9.00 4.45 21.28
C GLN A 481 -8.14 5.69 21.50
N GLU A 482 -8.82 6.83 21.60
CA GLU A 482 -8.24 8.07 22.15
C GLU A 482 -8.96 8.28 23.48
N THR A 483 -8.32 7.87 24.58
CA THR A 483 -9.04 7.71 25.84
C THR A 483 -9.15 8.98 26.68
N GLN A 484 -8.35 10.01 26.40
CA GLN A 484 -8.27 11.14 27.32
C GLN A 484 -9.20 12.29 26.95
N ASN A 485 -9.43 12.54 25.67
CA ASN A 485 -10.17 13.74 25.27
C ASN A 485 -11.60 13.43 24.85
N ASN A 486 -12.31 12.68 25.70
CA ASN A 486 -13.73 12.30 25.55
C ASN A 486 -14.11 11.98 24.11
N SER A 487 -13.26 11.23 23.42
CA SER A 487 -13.53 10.90 22.03
C SER A 487 -14.59 9.81 21.93
N THR A 488 -15.25 9.76 20.77
CA THR A 488 -16.14 8.64 20.46
C THR A 488 -15.34 7.34 20.55
N SER A 489 -15.89 6.36 21.26
CA SER A 489 -15.25 5.07 21.38
C SER A 489 -15.40 4.26 20.10
N TRP A 490 -14.34 3.57 19.71
CA TRP A 490 -14.30 2.85 18.44
C TRP A 490 -14.70 1.40 18.69
N PRO A 491 -15.89 0.96 18.28
CA PRO A 491 -16.32 -0.41 18.58
C PRO A 491 -15.68 -1.42 17.64
N VAL A 492 -15.58 -2.66 18.12
CA VAL A 492 -15.06 -3.70 17.25
C VAL A 492 -16.04 -3.96 16.12
N PHE A 493 -15.48 -4.27 14.95
CA PHE A 493 -16.25 -4.68 13.79
C PHE A 493 -16.56 -6.18 13.92
N LYS A 494 -17.83 -6.54 13.85
CA LYS A 494 -18.27 -7.91 13.97
C LYS A 494 -19.06 -8.29 12.74
N SER A 495 -19.09 -9.59 12.43
CA SER A 495 -19.71 -10.06 11.20
C SER A 495 -21.18 -9.69 11.12
N THR A 496 -21.86 -9.59 12.27
CA THR A 496 -23.29 -9.33 12.28
C THR A 496 -23.59 -7.85 12.20
N GLU A 497 -23.07 -7.06 13.15
CA GLU A 497 -23.40 -5.64 13.21
C GLU A 497 -22.59 -4.81 12.22
N GLN A 498 -21.31 -5.14 12.02
CA GLN A 498 -20.47 -4.42 11.06
C GLN A 498 -20.41 -2.91 11.36
N LYS A 499 -20.18 -2.58 12.63
CA LYS A 499 -20.01 -1.19 13.04
C LYS A 499 -18.68 -0.63 12.57
N TYR A 500 -18.67 0.63 12.14
CA TYR A 500 -17.45 1.32 11.77
C TYR A 500 -17.45 2.76 12.26
N LEU A 501 -16.25 3.33 12.32
CA LEU A 501 -16.02 4.67 12.82
C LEU A 501 -15.74 5.62 11.64
N THR A 502 -16.42 6.75 11.59
CA THR A 502 -16.12 7.75 10.58
C THR A 502 -15.08 8.73 11.13
N LEU A 503 -14.15 9.13 10.26
CA LEU A 503 -13.06 10.03 10.63
C LEU A 503 -13.21 11.31 9.82
N ASN A 504 -13.40 12.42 10.52
CA ASN A 504 -13.64 13.70 9.86
CA ASN A 504 -13.65 13.70 9.87
C ASN A 504 -13.33 14.81 10.87
N THR A 505 -13.39 16.05 10.38
CA THR A 505 -13.21 17.20 11.27
C THR A 505 -14.50 17.56 11.98
N GLU A 506 -15.65 17.39 11.32
CA GLU A 506 -16.94 17.71 11.91
C GLU A 506 -17.26 16.83 13.11
N SER A 507 -17.88 15.68 12.87
CA SER A 507 -18.36 14.82 13.95
C SER A 507 -17.89 13.39 13.72
N THR A 508 -17.42 12.76 14.80
CA THR A 508 -17.03 11.36 14.76
C THR A 508 -18.25 10.49 15.08
N ARG A 509 -18.63 9.63 14.14
CA ARG A 509 -19.85 8.84 14.30
C ARG A 509 -19.58 7.35 14.16
N ILE A 510 -20.39 6.57 14.89
CA ILE A 510 -20.50 5.13 14.70
C ILE A 510 -21.62 4.84 13.74
N MET A 511 -21.32 4.11 12.66
CA MET A 511 -22.28 3.70 11.65
C MET A 511 -22.15 2.21 11.45
N THR A 512 -23.05 1.66 10.64
CA THR A 512 -23.15 0.22 10.40
C THR A 512 -23.31 -0.06 8.91
N LYS A 513 -22.75 -1.18 8.47
CA LYS A 513 -23.01 -1.79 7.17
C LYS A 513 -22.74 -0.81 6.01
N LEU A 514 -21.50 -0.34 5.97
CA LEU A 514 -21.05 0.56 4.92
C LEU A 514 -21.27 -0.04 3.53
N ARG A 515 -21.88 0.72 2.63
CA ARG A 515 -22.06 0.32 1.23
C ARG A 515 -22.71 -1.06 1.12
N ALA A 516 -23.68 -1.33 2.00
CA ALA A 516 -24.26 -2.68 2.08
C ALA A 516 -24.77 -3.15 0.72
N GLN A 517 -25.61 -2.33 0.07
CA GLN A 517 -26.21 -2.72 -1.20
C GLN A 517 -25.16 -2.86 -2.30
N GLN A 518 -24.25 -1.88 -2.40
CA GLN A 518 -23.24 -1.91 -3.45
C GLN A 518 -22.35 -3.13 -3.32
N CYS A 519 -21.94 -3.47 -2.09
CA CYS A 519 -20.99 -4.56 -1.93
C CYS A 519 -21.66 -5.92 -2.13
N ARG A 520 -22.96 -6.02 -1.89
CA ARG A 520 -23.67 -7.23 -2.29
C ARG A 520 -23.59 -7.42 -3.81
N PHE A 521 -23.71 -6.33 -4.58
CA PHE A 521 -23.52 -6.45 -6.02
C PHE A 521 -22.13 -6.94 -6.37
N TRP A 522 -21.09 -6.33 -5.78
CA TRP A 522 -19.72 -6.63 -6.21
C TRP A 522 -19.23 -7.97 -5.69
N THR A 523 -19.54 -8.31 -4.44
CA THR A 523 -18.96 -9.52 -3.88
C THR A 523 -19.79 -10.76 -4.17
N SER A 524 -21.11 -10.63 -4.23
CA SER A 524 -21.93 -11.80 -4.49
C SER A 524 -22.13 -12.01 -5.99
N PHE A 525 -22.61 -10.99 -6.70
CA PHE A 525 -22.95 -11.21 -8.10
C PHE A 525 -21.73 -11.12 -9.02
N PHE A 526 -21.04 -9.97 -9.00
CA PHE A 526 -20.08 -9.68 -10.07
C PHE A 526 -18.97 -10.71 -10.26
N PRO A 527 -18.45 -11.41 -9.23
CA PRO A 527 -17.42 -12.43 -9.51
C PRO A 527 -17.89 -13.52 -10.43
N LYS A 528 -19.20 -13.62 -10.70
CA LYS A 528 -19.74 -14.63 -11.60
C LYS A 528 -19.59 -14.25 -13.06
N VAL A 529 -19.59 -12.96 -13.39
CA VAL A 529 -19.60 -12.52 -14.79
C VAL A 529 -18.31 -12.89 -15.51
C1 NAG B . -13.26 18.80 -19.39
C2 NAG B . -14.39 18.99 -20.41
C3 NAG B . -14.45 17.79 -21.37
C4 NAG B . -13.08 17.48 -21.94
C5 NAG B . -12.10 17.30 -20.79
C6 NAG B . -10.69 16.99 -21.23
C7 NAG B . -16.23 20.31 -19.42
C8 NAG B . -15.50 21.53 -19.87
N2 NAG B . -15.66 19.13 -19.72
O3 NAG B . -15.38 18.07 -22.42
O4 NAG B . -13.15 16.29 -22.72
O5 NAG B . -12.05 18.52 -20.05
O6 NAG B . -10.26 17.82 -22.30
O7 NAG B . -17.29 20.37 -18.81
C1 NAG B . -12.72 16.62 -24.04
C2 NAG B . -12.26 15.34 -24.74
C3 NAG B . -11.84 15.63 -26.18
C4 NAG B . -12.94 16.40 -26.92
C5 NAG B . -13.33 17.63 -26.11
C6 NAG B . -14.47 18.41 -26.72
C7 NAG B . -11.35 13.76 -23.10
C8 NAG B . -10.10 13.24 -22.43
N2 NAG B . -11.16 14.73 -24.00
O3 NAG B . -11.58 14.40 -26.85
O4 NAG B . -12.47 16.78 -28.20
O5 NAG B . -13.75 17.23 -24.80
O6 NAG B . -13.98 19.49 -27.51
O7 NAG B . -12.46 13.32 -22.83
C1 FUC B . -9.15 18.66 -22.09
C2 FUC B . -8.80 19.41 -23.37
C3 FUC B . -9.41 20.77 -23.45
C4 FUC B . -9.36 21.57 -22.17
C5 FUC B . -9.77 20.74 -20.95
C6 FUC B . -9.62 21.50 -19.67
O2 FUC B . -9.26 18.63 -24.49
O3 FUC B . -8.71 21.50 -24.51
O4 FUC B . -8.06 22.12 -21.97
O5 FUC B . -8.97 19.50 -20.86
C1 NAG C . 10.44 -5.57 26.40
C2 NAG C . 11.46 -6.20 27.37
C3 NAG C . 11.40 -7.72 27.28
C4 NAG C . 9.98 -8.23 27.45
C5 NAG C . 9.05 -7.51 26.48
C6 NAG C . 7.59 -7.88 26.65
C7 NAG C . 13.37 -4.68 27.70
C8 NAG C . 12.55 -3.99 28.74
N2 NAG C . 12.80 -5.72 27.08
O3 NAG C . 12.24 -8.28 28.28
O4 NAG C . 9.93 -9.63 27.22
O5 NAG C . 9.14 -6.09 26.67
O6 NAG C . 6.74 -7.14 25.77
O7 NAG C . 14.52 -4.31 27.42
C1 FUC C . 5.35 -6.92 25.28
C2 FUC C . 4.17 -6.08 24.83
C3 FUC C . 3.77 -6.51 23.46
C4 FUC C . 3.28 -7.92 23.51
C5 FUC C . 4.38 -8.86 24.00
C6 FUC C . 3.76 -10.20 24.26
O2 FUC C . 4.52 -4.68 24.83
O3 FUC C . 2.76 -5.61 22.90
O4 FUC C . 2.16 -8.03 24.40
O5 FUC C . 5.04 -8.40 25.24
C1 NAG D . -1.05 -13.47 -23.92
C2 NAG D . -2.48 -12.95 -23.73
C3 NAG D . -3.20 -12.82 -25.07
C4 NAG D . -2.37 -11.97 -26.03
C5 NAG D . -0.96 -12.54 -26.16
C6 NAG D . -0.06 -11.66 -26.99
C7 NAG D . -3.91 -13.40 -21.78
C8 NAG D . -4.62 -14.44 -20.97
N2 NAG D . -3.23 -13.83 -22.84
O3 NAG D . -4.47 -12.21 -24.86
O4 NAG D . -3.01 -11.90 -27.30
O5 NAG D . -0.35 -12.64 -24.86
O6 NAG D . -0.04 -10.33 -26.49
O7 NAG D . -3.95 -12.21 -21.48
C1 NAG D . -3.75 -10.96 -28.17
C2 NAG D . -3.68 -11.20 -29.69
C3 NAG D . -4.42 -10.08 -30.43
C4 NAG D . -5.84 -9.93 -29.90
C5 NAG D . -5.81 -9.74 -28.38
C6 NAG D . -7.18 -9.69 -27.75
C7 NAG D . -1.62 -12.43 -30.14
C8 NAG D . -0.21 -12.34 -30.65
N2 NAG D . -2.31 -11.29 -30.15
O3 NAG D . -4.45 -10.36 -31.82
O4 NAG D . -6.49 -8.83 -30.52
O5 NAG D . -5.11 -10.83 -27.76
O6 NAG D . -7.34 -10.72 -26.79
O7 NAG D . -2.10 -13.48 -29.74
C1 FUC D . 0.60 -9.91 -27.50
C2 FUC D . 0.17 -8.45 -27.37
C3 FUC D . 0.79 -7.80 -26.19
C4 FUC D . 2.28 -7.95 -26.20
C5 FUC D . 2.74 -9.41 -26.36
C6 FUC D . 4.22 -9.44 -26.59
O2 FUC D . -1.26 -8.40 -27.23
O3 FUC D . 0.43 -6.39 -26.19
O4 FUC D . 2.82 -7.16 -27.27
O5 FUC D . 2.09 -10.10 -27.48
C1 NAG E . 30.34 9.44 7.51
C2 NAG E . 31.61 9.58 6.71
C3 NAG E . 32.69 10.18 7.58
C4 NAG E . 32.22 11.53 8.14
C5 NAG E . 30.84 11.44 8.78
C6 NAG E . 30.21 12.80 9.00
C7 NAG E . 31.98 8.05 4.83
C8 NAG E . 31.45 9.15 3.95
N2 NAG E . 32.04 8.31 6.15
O3 NAG E . 33.88 10.36 6.82
O4 NAG E . 33.15 11.99 9.11
O5 NAG E . 29.91 10.72 7.95
O6 NAG E . 30.56 13.36 10.26
O7 NAG E . 32.35 6.97 4.36
C1 NAG F . -6.01 16.12 24.33
C2 NAG F . -4.98 16.14 23.20
C3 NAG F . -3.84 17.10 23.52
C4 NAG F . -4.39 18.48 23.88
C5 NAG F . -5.40 18.34 25.01
C6 NAG F . -6.05 19.66 25.41
C7 NAG F . -4.94 14.02 21.98
C8 NAG F . -4.30 12.67 21.85
N2 NAG F . -4.47 14.81 22.94
O3 NAG F . -2.97 17.22 22.40
O4 NAG F . -3.33 19.36 24.26
O5 NAG F . -6.45 17.46 24.61
O6 NAG F . -6.55 19.61 26.74
O7 NAG F . -5.86 14.36 21.24
C1 NAG G . 18.06 -25.17 -19.12
C2 NAG G . 18.23 -26.64 -18.69
C3 NAG G . 18.80 -26.71 -17.28
C4 NAG G . 20.09 -25.91 -17.19
C5 NAG G . 19.85 -24.48 -17.64
C6 NAG G . 21.09 -23.61 -17.65
C7 NAG G . 16.43 -27.78 -19.92
C8 NAG G . 15.12 -28.51 -19.81
N2 NAG G . 16.96 -27.35 -18.77
O3 NAG G . 19.04 -28.06 -16.92
O4 NAG G . 20.58 -25.92 -15.85
O5 NAG G . 19.33 -24.47 -18.98
O6 NAG G . 22.16 -24.21 -18.37
O7 NAG G . 16.97 -27.60 -21.00
C1 GOL H . 14.89 14.32 6.96
O1 GOL H . 15.10 14.42 5.57
C2 GOL H . 13.40 14.15 7.16
O2 GOL H . 12.83 15.38 7.51
C3 GOL H . 13.13 13.12 8.25
O3 GOL H . 13.62 11.90 7.81
C1 GOL I . 9.43 14.20 -1.03
O1 GOL I . 8.28 13.76 -1.74
C2 GOL I . 9.94 15.61 -1.40
O2 GOL I . 11.27 15.55 -1.87
C3 GOL I . 9.95 16.48 -0.16
O3 GOL I . 10.76 15.91 0.85
S SO4 J . 0.21 -18.59 9.68
O1 SO4 J . 0.10 -19.12 8.33
O2 SO4 J . 1.37 -19.19 10.35
O3 SO4 J . -0.99 -18.96 10.44
O4 SO4 J . 0.36 -17.13 9.63
S SO4 K . -8.57 -10.51 20.22
O1 SO4 K . -7.41 -10.77 21.07
O2 SO4 K . -8.15 -10.30 18.84
O3 SO4 K . -9.28 -9.35 20.73
O4 SO4 K . -9.48 -11.66 20.29
S SO4 L . -4.43 -6.92 -13.36
O1 SO4 L . -3.55 -5.84 -13.79
O2 SO4 L . -3.70 -8.16 -13.10
O3 SO4 L . -5.12 -6.50 -12.14
O4 SO4 L . -5.41 -7.15 -14.41
S SO4 M . 8.37 17.10 25.15
O1 SO4 M . 9.73 16.64 25.42
O2 SO4 M . 8.42 18.06 24.04
O3 SO4 M . 7.85 17.81 26.32
O4 SO4 M . 7.49 15.95 24.83
S SO4 N . 0.18 15.00 23.85
O1 SO4 N . 0.36 15.74 25.09
O2 SO4 N . 1.39 15.14 23.00
O3 SO4 N . -0.09 13.61 24.20
O4 SO4 N . -0.98 15.55 23.14
S SO4 O . -14.86 12.76 18.83
O1 SO4 O . -14.43 13.41 17.59
O2 SO4 O . -14.24 11.45 18.94
O3 SO4 O . -16.32 12.62 18.82
O4 SO4 O . -14.48 13.58 19.98
S SO4 P . -27.56 -8.73 -11.27
O1 SO4 P . -26.75 -9.41 -10.27
O2 SO4 P . -26.79 -8.46 -12.48
O3 SO4 P . -28.70 -9.57 -11.60
O4 SO4 P . -28.01 -7.47 -10.69
CL CL Q . -28.20 -1.62 11.23
CL CL R . 24.11 -13.88 -15.17
CL CL S . -28.35 2.98 -23.54
O1 MES T . -25.54 -1.79 -6.72
C2 MES T . -26.38 -1.88 -5.58
C3 MES T . -27.30 -0.67 -5.49
N4 MES T . -26.55 0.57 -5.70
C5 MES T . -25.44 0.65 -6.64
C6 MES T . -24.67 -0.66 -6.62
C7 MES T . -27.35 1.77 -5.58
C8 MES T . -26.40 2.85 -5.09
S MES T . -27.33 4.05 -4.44
O1S MES T . -28.28 3.45 -3.48
O2S MES T . -26.46 5.02 -3.75
O3S MES T . -28.10 4.73 -5.52
O1 MES U . -24.19 2.79 2.38
C2 MES U . -24.20 3.64 1.23
C3 MES U . -22.87 4.37 1.10
N4 MES U . -22.65 5.08 2.35
C5 MES U . -22.73 4.30 3.58
C6 MES U . -24.04 3.53 3.58
C7 MES U . -21.72 6.22 2.33
C8 MES U . -22.29 7.25 1.37
S MES U . -21.11 8.34 0.88
O1S MES U . -20.67 8.00 -0.49
O2S MES U . -19.95 8.30 1.80
O3S MES U . -21.67 9.72 0.86
CAA 92H V . -6.66 -20.29 -12.21
CAC 92H V . -5.09 -21.81 -11.23
CAD 92H V . -4.93 -22.91 -10.21
CAF 92H V . -2.61 -23.78 -10.45
CAG 92H V . -2.51 -25.23 -10.00
CAH 92H V . -1.07 -25.74 -10.23
CAI 92H V . -0.97 -26.46 -11.58
CAJ 92H V . -1.84 -27.73 -11.44
CAL 92H V . -4.15 -28.48 -11.23
CAM 92H V . -5.56 -27.94 -11.54
CAN 92H V . -6.02 -29.05 -12.33
CAO 92H V . -7.24 -29.54 -12.53
CAP 92H V . -7.47 -30.65 -13.35
CAQ 92H V . -6.39 -31.26 -13.96
CAR 92H V . -5.13 -30.72 -13.72
CAS 92H V . -4.97 -29.66 -12.93
CAT 92H V . -3.80 -29.00 -12.59
CAU 92H V . -3.50 -26.09 -10.81
CAV 92H V . -7.34 -21.64 -10.33
CAW 92H V . -3.25 -22.20 -8.61
CAX 92H V . -1.96 -22.31 -8.09
CAZ 92H V . -1.84 -23.05 -6.93
CBA 92H V . -0.60 -23.23 -6.33
CBB 92H V . 0.53 -22.66 -6.91
CBC 92H V . 0.42 -21.91 -8.08
CBD 92H V . -0.83 -21.72 -8.67
CBE 92H V . -0.51 -23.97 -5.16
CBF 92H V . 0.73 -24.15 -4.56
CBG 92H V . 1.87 -23.58 -5.14
CBH 92H V . 1.77 -22.83 -6.31
NAB 92H V . -6.52 -21.61 -11.56
NAE 92H V . -3.57 -22.95 -9.68
NAK 92H V . -3.12 -27.50 -10.74
OAY 92H V . -4.08 -21.52 -8.01
CAA 92H W . -1.26 6.87 -2.98
CAC 92H W . -0.97 7.44 -5.32
CAD 92H W . -0.51 7.02 -6.74
CAF 92H W . -2.62 6.16 -7.78
CAG 92H W . -2.58 6.67 -9.25
CAH 92H W . -3.83 6.21 -9.92
CAI 92H W . -3.91 6.56 -11.42
CAJ 92H W . -2.55 6.97 -12.00
CAL 92H W . -0.19 6.44 -12.14
CAM 92H W . 0.91 5.53 -11.66
CAN 92H W . 1.82 5.57 -12.72
CAO 92H W . 3.14 5.34 -12.72
CAP 92H W . 3.86 5.40 -13.90
CAQ 92H W . 3.20 5.72 -15.08
CAR 92H W . 1.83 5.96 -15.03
CAS 92H W . 1.17 5.88 -13.87
CAT 92H W . -0.20 6.06 -13.59
CAU 92H W . -1.34 6.20 -10.01
CAV 92H W . 0.72 6.18 -4.12
CAW 92H W . -0.68 4.64 -7.33
CAX 92H W . -1.32 3.50 -7.83
CAZ 92H W . -2.34 2.85 -7.12
CBA 92H W . -2.92 1.69 -7.62
CBB 92H W . -2.49 1.15 -8.83
CBC 92H W . -1.46 1.77 -9.53
CBD 92H W . -0.88 2.93 -9.02
CBE 92H W . -3.95 1.05 -6.92
CBF 92H W . -4.54 -0.11 -7.42
CBG 92H W . -4.10 -0.65 -8.63
CBH 92H W . -3.06 -0.01 -9.33
NAB 92H W . -0.72 6.42 -4.28
NAE 92H W . -1.27 5.86 -7.27
NAK 92H W . -1.48 6.11 -11.48
OAY 92H W . 0.48 4.51 -6.93
C2 1PG X . -0.18 16.49 0.32
C1 1PG X . -2.07 17.84 0.64
O1 1PG X . -1.50 16.77 -0.07
O2 1PG X . 1.93 17.31 0.97
C3 1PG X . 0.76 17.70 0.30
C4 1PG X . 3.09 17.32 0.17
C5 1PG X . 3.66 15.91 0.01
O3 1PG X . 4.85 15.95 -0.75
C6 1PG X . 5.76 16.96 -0.37
C7 1PG X . 6.51 17.59 -1.55
O4 1PG X . 7.10 16.63 -2.37
C8 1PG X . 7.57 17.13 -3.60
C9 1PG X . 6.63 16.73 -4.74
O5 1PG X . 6.92 17.49 -5.88
C10 1PG X . 5.88 18.36 -6.26
C11 1PG X . 6.24 19.16 -7.52
O6 1PG X . 5.15 19.25 -8.40
C1 PEG Y . -2.17 -10.63 20.40
O1 PEG Y . -2.05 -9.90 19.21
C2 PEG Y . -3.09 -9.93 21.40
O2 PEG Y . -2.41 -8.93 22.12
C3 PEG Y . -3.02 -8.55 23.32
C4 PEG Y . -3.58 -7.13 23.18
O4 PEG Y . -3.08 -6.32 24.22
#